data_2XDW
#
_entry.id   2XDW
#
_cell.length_a   70.820
_cell.length_b   99.510
_cell.length_c   110.790
_cell.angle_alpha   90.00
_cell.angle_beta   90.00
_cell.angle_gamma   90.00
#
_symmetry.space_group_name_H-M   'P 21 21 21'
#
loop_
_entity.id
_entity.type
_entity.pdbx_description
1 polymer 'Prolyl endopeptidase'
2 polymer 'SYNTHETIC PEPTIDE PHQ-PRO-YCP'
3 non-polymer TRIS(HYDROXYETHYL)AMINOMETHANE
4 non-polymer GLYCEROL
5 water water
#
loop_
_entity_poly.entity_id
_entity_poly.type
_entity_poly.pdbx_seq_one_letter_code
_entity_poly.pdbx_strand_id
1 'polypeptide(L)'
;MLSFQYPDVYRDETAIQDYHGHKVCDPYAWLEDPDSEQTKAFVEAQNKITVPFLEQCPIRGLYKERMTELYDYPKYSCHF
KKGKRYFYFYNTGLQNQRVLYVQDSLEGEARVFLDPNILSDDGTVALRGYAFSEDGEYFAYGLSASGSDWVTIKFMKVDG
AKELPDVLERVKFSCMAWTHDGKGMFYNAYPQQDGKSDGTETSTNLHQKLYYHVLGTDQSEDILCAEFPDEPKWMGGAEL
SDDGRYVLLSIREGCDPVNRLWYCDLQQESNGITGILKWVKLIDNFEGEYDYVTNEGTVFTFKTNRHSPNYRLINIDFTD
PEESKWKVLVPEHEKDVLEWVACVRSNFLVLCYLHDVKNTLQLHDLATGALLKIFPLEVGSVVGYSGQKKDTEIFYQFTS
FLSPGIIYHCDLTKEELEPRVFREVTVKGIDASDYQTVQIFYPSKDGTKIPMFIVHKKGIKLDGSHPAFLYGYGGFNISI
TPNYSVSRLIFVRHMGGVLAVANIRGGGEYGETWHKGGILANKQNCFDDFQCAAEYLIKEGYTSPKRLTINGGSNGGLLV
ATCANQRPDLFGCVIAQVGVMDMLKFHKYTIGHAWTTDYGCSDSKQHFEWLIKYSPLHNVKLPEADDIQYPSMLLLTADH
DDRVVPLHSLKFIATLQYIVGRSRKQNNPLLIHVDTKAGHGAGKPTAKVIEEVSDMFAFIARCLNIDWIP
;
A
2 'polypeptide(L)' (PHQ)P(YCP) P
#
loop_
_chem_comp.id
_chem_comp.type
_chem_comp.name
_chem_comp.formula
GOL non-polymer GLYCEROL 'C3 H8 O3'
PHQ non-polymer 'benzyl chlorocarbonate' 'C8 H7 Cl O2'
TAM non-polymer TRIS(HYDROXYETHYL)AMINOMETHANE 'C7 H17 N O3'
#
# COMPACT_ATOMS: atom_id res chain seq x y z
N MET A 1 -25.23 -27.27 2.26
CA MET A 1 -24.37 -26.27 2.97
C MET A 1 -25.08 -24.92 3.14
N LEU A 2 -25.68 -24.41 2.05
CA LEU A 2 -26.29 -23.06 2.06
C LEU A 2 -27.63 -23.02 2.81
N SER A 3 -27.58 -22.58 4.07
CA SER A 3 -28.70 -22.58 5.01
C SER A 3 -29.28 -21.19 5.14
N PHE A 4 -28.88 -20.31 4.24
CA PHE A 4 -29.36 -18.95 4.27
C PHE A 4 -29.93 -18.63 2.90
N GLN A 5 -30.62 -17.50 2.82
CA GLN A 5 -31.14 -16.99 1.57
C GLN A 5 -30.53 -15.62 1.33
N TYR A 6 -30.21 -15.36 0.06
CA TYR A 6 -29.68 -14.03 -0.30
C TYR A 6 -30.80 -13.01 -0.16
N PRO A 7 -30.44 -11.80 0.25
CA PRO A 7 -31.49 -10.78 0.43
C PRO A 7 -32.09 -10.33 -0.90
N ASP A 8 -33.35 -9.91 -0.86
CA ASP A 8 -33.94 -9.24 -2.02
C ASP A 8 -33.28 -7.89 -2.18
N VAL A 9 -32.92 -7.57 -3.43
CA VAL A 9 -32.20 -6.32 -3.73
C VAL A 9 -32.82 -5.69 -4.97
N TYR A 10 -33.41 -4.50 -4.80
CA TYR A 10 -34.07 -3.81 -5.89
C TYR A 10 -33.17 -3.57 -7.09
N ARG A 11 -33.70 -3.87 -8.27
CA ARG A 11 -32.99 -3.57 -9.52
C ARG A 11 -33.64 -2.37 -10.18
N ASP A 12 -32.89 -1.29 -10.32
CA ASP A 12 -33.33 -0.15 -11.12
C ASP A 12 -33.05 -0.41 -12.59
N GLU A 13 -34.04 -0.99 -13.26
CA GLU A 13 -33.94 -1.37 -14.69
C GLU A 13 -33.95 -0.14 -15.60
N THR A 14 -34.22 1.04 -15.04
CA THR A 14 -34.19 2.30 -15.82
C THR A 14 -32.77 2.88 -15.92
N ALA A 15 -31.83 2.39 -15.11
CA ALA A 15 -30.49 2.98 -15.04
C ALA A 15 -29.65 2.49 -16.23
N ILE A 16 -29.63 3.30 -17.29
CA ILE A 16 -29.01 2.91 -18.56
C ILE A 16 -28.19 4.11 -19.02
N GLN A 17 -26.93 3.87 -19.34
CA GLN A 17 -26.02 4.95 -19.78
C GLN A 17 -25.31 4.56 -21.06
N ASP A 18 -25.19 5.51 -21.98
CA ASP A 18 -24.47 5.29 -23.22
C ASP A 18 -22.99 5.64 -23.09
N TYR A 19 -22.15 4.65 -23.36
CA TYR A 19 -20.71 4.87 -23.39
C TYR A 19 -20.25 4.70 -24.85
N HIS A 20 -20.13 5.82 -25.57
CA HIS A 20 -19.63 5.84 -26.96
C HIS A 20 -20.41 4.88 -27.89
N GLY A 21 -21.72 4.79 -27.68
CA GLY A 21 -22.57 3.88 -28.47
C GLY A 21 -22.85 2.52 -27.84
N HIS A 22 -22.17 2.22 -26.73
CA HIS A 22 -22.32 0.96 -25.99
C HIS A 22 -23.21 1.27 -24.78
N LYS A 23 -24.37 0.64 -24.74
CA LYS A 23 -25.30 0.87 -23.62
C LYS A 23 -24.91 -0.03 -22.48
N VAL A 24 -24.87 0.56 -21.29
CA VAL A 24 -24.57 -0.20 -20.08
C VAL A 24 -25.68 0.04 -19.07
N CYS A 25 -26.24 -1.06 -18.58
CA CYS A 25 -27.25 -1.01 -17.51
C CYS A 25 -26.57 -1.14 -16.15
N ASP A 26 -26.98 -0.31 -15.19
CA ASP A 26 -26.39 -0.28 -13.85
C ASP A 26 -27.49 -0.33 -12.80
N PRO A 27 -28.17 -1.50 -12.68
CA PRO A 27 -29.39 -1.57 -11.85
C PRO A 27 -29.15 -1.35 -10.35
N TYR A 28 -27.91 -1.47 -9.89
CA TYR A 28 -27.57 -1.22 -8.46
C TYR A 28 -26.87 0.10 -8.24
N ALA A 29 -27.01 1.05 -9.19
CA ALA A 29 -26.39 2.37 -9.08
C ALA A 29 -26.74 3.05 -7.76
N TRP A 30 -27.94 2.74 -7.23
CA TRP A 30 -28.40 3.34 -5.97
C TRP A 30 -27.49 3.00 -4.77
N LEU A 31 -26.72 1.91 -4.85
CA LEU A 31 -25.77 1.58 -3.80
C LEU A 31 -24.57 2.54 -3.72
N GLU A 32 -24.46 3.43 -4.69
CA GLU A 32 -23.42 4.48 -4.68
C GLU A 32 -23.66 5.51 -3.59
N ASP A 33 -24.87 5.57 -3.02
CA ASP A 33 -25.17 6.53 -1.94
C ASP A 33 -25.00 5.84 -0.59
N PRO A 34 -23.91 6.13 0.13
CA PRO A 34 -23.65 5.40 1.40
C PRO A 34 -24.63 5.81 2.49
N ASP A 35 -25.29 6.95 2.31
CA ASP A 35 -26.10 7.53 3.39
C ASP A 35 -27.57 7.15 3.34
N SER A 36 -28.02 6.48 2.28
CA SER A 36 -29.46 6.19 2.14
C SER A 36 -29.89 5.07 3.05
N GLU A 37 -31.17 5.10 3.43
CA GLU A 37 -31.72 4.00 4.19
C GLU A 37 -31.66 2.69 3.42
N GLN A 38 -31.87 2.78 2.10
CA GLN A 38 -31.76 1.62 1.22
C GLN A 38 -30.37 0.96 1.28
N THR A 39 -29.33 1.79 1.15
CA THR A 39 -27.96 1.25 1.21
C THR A 39 -27.64 0.69 2.60
N LYS A 40 -28.01 1.41 3.64
CA LYS A 40 -27.76 0.90 5.00
C LYS A 40 -28.50 -0.43 5.21
N ALA A 41 -29.73 -0.57 4.72
CA ALA A 41 -30.48 -1.82 4.89
C ALA A 41 -29.83 -2.94 4.09
N PHE A 42 -29.29 -2.64 2.93
CA PHE A 42 -28.55 -3.60 2.13
C PHE A 42 -27.34 -4.16 2.91
N VAL A 43 -26.55 -3.24 3.46
CA VAL A 43 -25.35 -3.64 4.19
C VAL A 43 -25.74 -4.54 5.38
N GLU A 44 -26.77 -4.13 6.13
CA GLU A 44 -27.21 -4.89 7.29
C GLU A 44 -27.68 -6.30 6.86
N ALA A 45 -28.45 -6.40 5.78
CA ALA A 45 -28.98 -7.69 5.32
C ALA A 45 -27.84 -8.61 4.86
N GLN A 46 -26.80 -8.06 4.23
CA GLN A 46 -25.66 -8.86 3.80
C GLN A 46 -24.83 -9.34 4.98
N ASN A 47 -24.51 -8.44 5.92
CA ASN A 47 -23.79 -8.86 7.11
C ASN A 47 -24.55 -9.93 7.91
N LYS A 48 -25.88 -9.84 7.88
CA LYS A 48 -26.73 -10.78 8.66
C LYS A 48 -26.56 -12.23 8.15
N ILE A 49 -26.26 -12.44 6.87
CA ILE A 49 -26.00 -13.80 6.37
C ILE A 49 -24.53 -14.15 6.44
N THR A 50 -23.61 -13.20 6.25
CA THR A 50 -22.19 -13.52 6.24
C THR A 50 -21.66 -13.88 7.61
N VAL A 51 -22.04 -13.12 8.62
CA VAL A 51 -21.42 -13.33 9.93
C VAL A 51 -21.70 -14.70 10.54
N PRO A 52 -22.95 -15.18 10.50
CA PRO A 52 -23.19 -16.54 11.02
C PRO A 52 -22.49 -17.61 10.18
N PHE A 53 -22.30 -17.37 8.88
CA PHE A 53 -21.63 -18.38 8.04
C PHE A 53 -20.16 -18.49 8.48
N LEU A 54 -19.52 -17.35 8.72
CA LEU A 54 -18.12 -17.34 9.14
C LEU A 54 -17.93 -17.87 10.56
N GLU A 55 -18.83 -17.51 11.46
CA GLU A 55 -18.68 -17.87 12.88
C GLU A 55 -19.13 -19.29 13.21
N GLN A 56 -19.85 -19.99 12.33
CA GLN A 56 -20.50 -21.29 12.64
C GLN A 56 -19.54 -22.42 12.95
N CYS A 57 -18.56 -22.63 12.08
CA CYS A 57 -17.62 -23.76 12.29
C CYS A 57 -16.47 -23.43 13.26
N PRO A 58 -16.25 -24.34 14.25
CA PRO A 58 -15.22 -24.26 15.29
C PRO A 58 -13.84 -23.85 14.75
N ILE A 59 -13.57 -24.08 13.47
CA ILE A 59 -12.24 -23.72 12.94
C ILE A 59 -11.91 -22.24 13.14
N ARG A 60 -12.91 -21.37 13.08
CA ARG A 60 -12.62 -19.95 13.30
C ARG A 60 -12.03 -19.68 14.68
N GLY A 61 -12.59 -20.29 15.72
CA GLY A 61 -12.07 -20.06 17.06
C GLY A 61 -10.69 -20.66 17.23
N LEU A 62 -10.42 -21.79 16.59
CA LEU A 62 -9.10 -22.41 16.65
C LEU A 62 -8.06 -21.49 15.98
N TYR A 63 -8.46 -20.95 14.83
CA TYR A 63 -7.57 -20.09 14.06
C TYR A 63 -7.34 -18.79 14.85
N LYS A 64 -8.42 -18.19 15.36
CA LYS A 64 -8.28 -16.98 16.15
C LYS A 64 -7.37 -17.15 17.38
N GLU A 65 -7.54 -18.24 18.11
CA GLU A 65 -6.69 -18.52 19.27
C GLU A 65 -5.21 -18.65 18.86
N ARG A 66 -4.92 -19.39 17.79
CA ARG A 66 -3.57 -19.55 17.35
C ARG A 66 -2.96 -18.24 16.84
N MET A 67 -3.77 -17.44 16.13
CA MET A 67 -3.33 -16.13 15.66
C MET A 67 -3.00 -15.20 16.84
N THR A 68 -3.86 -15.19 17.85
CA THR A 68 -3.60 -14.38 19.04
C THR A 68 -2.32 -14.78 19.74
N GLU A 69 -2.09 -16.09 19.87
CA GLU A 69 -0.87 -16.57 20.48
C GLU A 69 0.38 -16.27 19.64
N LEU A 70 0.36 -16.61 18.35
CA LEU A 70 1.56 -16.50 17.52
C LEU A 70 1.87 -15.06 17.10
N TYR A 71 0.87 -14.21 16.97
CA TYR A 71 1.08 -12.79 16.61
C TYR A 71 1.54 -11.97 17.82
N ASP A 72 1.43 -12.54 19.03
CA ASP A 72 1.91 -11.87 20.24
C ASP A 72 3.43 -12.03 20.38
N TYR A 73 4.14 -11.20 19.63
CA TYR A 73 5.61 -11.12 19.70
C TYR A 73 5.96 -9.63 19.62
N PRO A 74 7.09 -9.25 20.21
CA PRO A 74 7.48 -7.82 20.19
C PRO A 74 7.79 -7.31 18.80
N LYS A 75 7.26 -6.15 18.46
CA LYS A 75 7.39 -5.56 17.13
C LYS A 75 8.07 -4.19 17.25
N TYR A 76 9.27 -4.05 16.69
CA TYR A 76 10.02 -2.78 16.77
C TYR A 76 10.17 -2.20 15.38
N SER A 77 10.18 -0.87 15.29
CA SER A 77 10.76 -0.14 14.15
C SER A 77 12.26 0.10 14.40
N CYS A 78 12.97 0.55 13.36
CA CYS A 78 14.31 1.09 13.53
C CYS A 78 14.32 2.26 14.50
N HIS A 79 15.39 2.35 15.28
CA HIS A 79 15.71 3.60 15.98
C HIS A 79 16.00 4.68 14.95
N PHE A 80 15.70 5.93 15.30
CA PHE A 80 16.13 7.09 14.49
C PHE A 80 16.41 8.27 15.39
N LYS A 81 17.48 9.00 15.10
CA LYS A 81 17.86 10.14 15.93
C LYS A 81 17.24 11.42 15.35
N LYS A 82 16.72 12.28 16.22
CA LYS A 82 16.22 13.60 15.85
C LYS A 82 16.75 14.56 16.89
N GLY A 83 17.59 15.50 16.47
CA GLY A 83 18.27 16.38 17.42
C GLY A 83 19.09 15.58 18.42
N LYS A 84 18.87 15.84 19.69
CA LYS A 84 19.59 15.17 20.76
C LYS A 84 19.05 13.84 21.25
N ARG A 85 17.98 13.32 20.65
CA ARG A 85 17.30 12.14 21.19
C ARG A 85 17.10 11.07 20.15
N TYR A 86 16.95 9.84 20.62
CA TYR A 86 16.53 8.73 19.78
C TYR A 86 15.07 8.42 19.94
N PHE A 87 14.46 7.97 18.85
CA PHE A 87 13.05 7.53 18.87
C PHE A 87 12.91 6.17 18.22
N TYR A 88 11.87 5.41 18.60
CA TYR A 88 11.54 4.18 17.89
C TYR A 88 10.10 3.82 18.19
N PHE A 89 9.46 3.09 17.28
CA PHE A 89 8.14 2.51 17.55
C PHE A 89 8.25 1.10 18.13
N TYR A 90 7.30 0.74 18.99
CA TYR A 90 7.32 -0.57 19.66
C TYR A 90 5.92 -0.99 20.04
N ASN A 91 5.59 -2.25 19.77
CA ASN A 91 4.37 -2.87 20.22
C ASN A 91 4.79 -4.08 21.02
N THR A 92 4.34 -4.16 22.27
CA THR A 92 4.71 -5.28 23.13
C THR A 92 4.26 -6.60 22.51
N GLY A 93 3.25 -6.54 21.65
CA GLY A 93 2.78 -7.71 20.93
C GLY A 93 1.37 -7.58 20.37
N LEU A 94 0.41 -7.30 21.26
CA LEU A 94 -0.99 -7.26 20.92
C LEU A 94 -1.64 -5.90 21.12
N GLN A 95 -0.83 -4.87 21.36
CA GLN A 95 -1.44 -3.54 21.46
C GLN A 95 -2.11 -3.17 20.14
N ASN A 96 -3.23 -2.46 20.19
CA ASN A 96 -3.91 -2.12 18.95
C ASN A 96 -3.07 -1.30 18.00
N GLN A 97 -2.26 -0.39 18.56
CA GLN A 97 -1.38 0.51 17.81
C GLN A 97 0.00 0.45 18.41
N ARG A 98 1.02 0.53 17.56
CA ARG A 98 2.37 0.68 18.06
C ARG A 98 2.58 2.04 18.71
N VAL A 99 3.50 2.08 19.66
CA VAL A 99 3.72 3.26 20.50
C VAL A 99 5.08 3.89 20.18
N LEU A 100 5.15 5.23 20.13
CA LEU A 100 6.39 5.94 19.85
C LEU A 100 7.09 6.20 21.19
N TYR A 101 8.34 5.74 21.30
CA TYR A 101 9.22 5.91 22.48
C TYR A 101 10.35 6.88 22.18
N VAL A 102 10.88 7.47 23.26
CA VAL A 102 12.02 8.37 23.20
C VAL A 102 13.04 7.97 24.23
N GLN A 103 14.30 8.16 23.87
CA GLN A 103 15.41 8.03 24.86
C GLN A 103 16.50 9.05 24.59
N ASP A 104 17.27 9.39 25.62
CA ASP A 104 18.32 10.41 25.47
C ASP A 104 19.64 9.88 24.91
N SER A 105 19.80 8.55 24.89
CA SER A 105 20.96 7.88 24.29
C SER A 105 20.57 6.45 24.00
N LEU A 106 21.38 5.76 23.21
CA LEU A 106 21.12 4.35 22.88
C LEU A 106 21.09 3.45 24.13
N GLU A 107 21.89 3.80 25.13
CA GLU A 107 21.98 3.01 26.37
C GLU A 107 20.98 3.47 27.43
N GLY A 108 20.32 4.60 27.16
CA GLY A 108 19.44 5.24 28.12
C GLY A 108 18.06 4.64 28.26
N GLU A 109 17.42 4.91 29.39
CA GLU A 109 16.06 4.47 29.66
C GLU A 109 15.06 5.10 28.68
N ALA A 110 14.21 4.28 28.09
CA ALA A 110 13.19 4.77 27.14
C ALA A 110 11.92 5.13 27.87
N ARG A 111 11.22 6.14 27.38
CA ARG A 111 9.90 6.46 27.90
C ARG A 111 8.90 6.66 26.76
N VAL A 112 7.64 6.49 27.08
CA VAL A 112 6.57 6.72 26.13
C VAL A 112 6.55 8.20 25.71
N PHE A 113 6.54 8.41 24.40
CA PHE A 113 6.45 9.74 23.82
C PHE A 113 5.06 10.02 23.24
N LEU A 114 4.54 9.11 22.43
CA LEU A 114 3.19 9.23 21.91
C LEU A 114 2.57 7.83 21.85
N ASP A 115 1.47 7.68 22.59
CA ASP A 115 0.74 6.41 22.66
C ASP A 115 -0.64 6.58 22.03
N PRO A 116 -0.82 6.19 20.75
CA PRO A 116 -2.13 6.33 20.11
C PRO A 116 -3.24 5.46 20.74
N ASN A 117 -2.86 4.44 21.50
CA ASN A 117 -3.88 3.57 22.07
C ASN A 117 -4.83 4.28 23.02
N ILE A 118 -4.35 5.30 23.69
CA ILE A 118 -5.21 6.01 24.66
C ILE A 118 -6.17 7.02 23.99
N LEU A 119 -6.10 7.10 22.66
CA LEU A 119 -6.96 8.01 21.91
C LEU A 119 -8.32 7.42 21.51
N SER A 120 -8.52 6.12 21.74
CA SER A 120 -9.83 5.50 21.42
C SER A 120 -9.94 4.19 22.20
N ASP A 121 -11.15 3.77 22.47
CA ASP A 121 -11.34 2.51 23.23
C ASP A 121 -10.93 1.32 22.39
N ASP A 122 -11.12 1.46 21.08
CA ASP A 122 -11.01 0.32 20.19
C ASP A 122 -9.81 0.39 19.26
N GLY A 123 -8.91 1.34 19.49
CA GLY A 123 -7.71 1.40 18.66
C GLY A 123 -7.94 1.89 17.25
N THR A 124 -9.04 2.62 17.02
CA THR A 124 -9.39 3.08 15.66
C THR A 124 -8.96 4.52 15.39
N VAL A 125 -8.18 5.12 16.28
CA VAL A 125 -7.46 6.37 15.95
C VAL A 125 -5.99 5.98 15.81
N ALA A 126 -5.41 6.31 14.66
CA ALA A 126 -4.06 5.91 14.33
C ALA A 126 -3.21 7.04 13.83
N LEU A 127 -1.92 6.93 14.07
CA LEU A 127 -0.95 7.85 13.48
C LEU A 127 -0.95 7.68 11.96
N ARG A 128 -0.96 8.78 11.22
CA ARG A 128 -0.83 8.76 9.75
C ARG A 128 0.05 9.97 9.33
N GLY A 129 1.35 9.72 9.25
CA GLY A 129 2.33 10.76 8.92
C GLY A 129 2.84 11.50 10.13
N TYR A 130 4.11 11.91 10.09
CA TYR A 130 4.66 12.79 11.14
C TYR A 130 5.90 13.50 10.61
N ALA A 131 6.32 14.54 11.30
CA ALA A 131 7.56 15.24 10.93
C ALA A 131 8.08 15.95 12.16
N PHE A 132 9.34 15.71 12.45
CA PHE A 132 10.07 16.46 13.47
C PHE A 132 10.63 17.72 12.84
N SER A 133 10.68 18.80 13.63
CA SER A 133 11.46 19.99 13.25
C SER A 133 12.94 19.58 13.04
N GLU A 134 13.69 20.41 12.30
CA GLU A 134 15.07 20.09 11.99
C GLU A 134 15.92 19.89 13.24
N ASP A 135 15.67 20.67 14.30
CA ASP A 135 16.46 20.51 15.52
C ASP A 135 15.92 19.43 16.46
N GLY A 136 14.86 18.75 16.05
CA GLY A 136 14.30 17.69 16.91
C GLY A 136 13.49 18.10 18.11
N GLU A 137 13.25 19.41 18.28
CA GLU A 137 12.62 19.89 19.51
C GLU A 137 11.11 20.00 19.39
N TYR A 138 10.56 19.92 18.16
CA TYR A 138 9.11 20.02 17.95
C TYR A 138 8.67 18.89 17.02
N PHE A 139 7.41 18.54 17.10
CA PHE A 139 6.87 17.30 16.48
C PHE A 139 5.48 17.55 15.98
N ALA A 140 5.28 17.29 14.70
CA ALA A 140 3.96 17.31 14.08
C ALA A 140 3.54 15.90 13.74
N TYR A 141 2.27 15.58 13.94
CA TYR A 141 1.78 14.23 13.63
C TYR A 141 0.36 14.25 13.14
N GLY A 142 0.07 13.35 12.20
CA GLY A 142 -1.28 13.22 11.70
C GLY A 142 -2.05 12.13 12.41
N LEU A 143 -3.32 12.39 12.68
CA LEU A 143 -4.20 11.34 13.21
C LEU A 143 -5.36 11.10 12.26
N SER A 144 -5.62 9.83 12.00
CA SER A 144 -6.77 9.40 11.21
C SER A 144 -7.75 8.60 12.06
N ALA A 145 -9.04 8.88 11.93
CA ALA A 145 -10.05 8.14 12.67
C ALA A 145 -10.76 7.14 11.78
N SER A 146 -11.00 5.95 12.32
CA SER A 146 -11.83 4.91 11.68
C SER A 146 -11.26 4.49 10.33
N GLY A 147 -9.96 4.69 10.13
CA GLY A 147 -9.27 4.22 8.94
C GLY A 147 -9.39 5.10 7.72
N SER A 148 -10.01 6.27 7.84
CA SER A 148 -10.09 7.21 6.73
C SER A 148 -8.72 7.77 6.34
N ASP A 149 -8.60 8.13 5.07
CA ASP A 149 -7.44 8.91 4.60
C ASP A 149 -7.38 10.33 5.15
N TRP A 150 -8.50 10.88 5.62
CA TRP A 150 -8.47 12.24 6.22
C TRP A 150 -7.58 12.26 7.44
N VAL A 151 -6.85 13.36 7.59
CA VAL A 151 -5.89 13.55 8.68
C VAL A 151 -6.20 14.86 9.42
N THR A 152 -6.02 14.84 10.73
CA THR A 152 -5.89 16.07 11.54
C THR A 152 -4.46 16.14 12.02
N ILE A 153 -3.77 17.25 11.76
CA ILE A 153 -2.37 17.37 12.22
C ILE A 153 -2.33 18.11 13.56
N LYS A 154 -1.66 17.49 14.50
CA LYS A 154 -1.46 18.06 15.84
C LYS A 154 0.04 18.25 16.09
N PHE A 155 0.35 18.96 17.18
CA PHE A 155 1.74 19.36 17.45
C PHE A 155 2.11 19.15 18.92
N MET A 156 3.37 18.83 19.15
CA MET A 156 3.93 18.72 20.50
C MET A 156 5.30 19.35 20.58
N LYS A 157 5.63 19.88 21.76
CA LYS A 157 7.04 20.18 22.10
C LYS A 157 7.68 18.90 22.64
N VAL A 158 8.85 18.53 22.11
CA VAL A 158 9.43 17.23 22.45
C VAL A 158 9.84 17.15 23.91
N ASP A 159 10.53 18.16 24.41
CA ASP A 159 10.94 18.19 25.83
C ASP A 159 9.71 18.26 26.73
N GLY A 160 9.47 17.19 27.50
CA GLY A 160 8.26 17.10 28.31
C GLY A 160 7.01 16.58 27.60
N ALA A 161 7.13 16.26 26.29
CA ALA A 161 6.02 15.76 25.50
C ALA A 161 4.75 16.61 25.71
N LYS A 162 4.88 17.93 25.50
CA LYS A 162 3.88 18.95 25.82
C LYS A 162 2.96 19.13 24.62
N GLU A 163 1.66 18.95 24.80
CA GLU A 163 0.72 19.20 23.71
C GLU A 163 0.62 20.70 23.48
N LEU A 164 0.63 21.08 22.21
CA LEU A 164 0.45 22.45 21.78
C LEU A 164 -0.95 22.67 21.22
N PRO A 165 -1.38 23.93 21.08
CA PRO A 165 -2.75 24.17 20.63
C PRO A 165 -2.98 23.98 19.14
N ASP A 166 -1.89 23.97 18.34
CA ASP A 166 -2.01 24.01 16.86
C ASP A 166 -2.71 22.78 16.33
N VAL A 167 -3.74 22.99 15.53
CA VAL A 167 -4.47 21.88 14.91
C VAL A 167 -4.77 22.22 13.45
N LEU A 168 -4.44 21.30 12.54
CA LEU A 168 -4.70 21.53 11.12
C LEU A 168 -5.69 20.51 10.59
N GLU A 169 -6.76 21.03 9.98
CA GLU A 169 -7.84 20.19 9.42
C GLU A 169 -7.83 20.25 7.89
N ARG A 170 -8.65 19.39 7.28
CA ARG A 170 -8.79 19.25 5.80
C ARG A 170 -7.52 18.74 5.12
N VAL A 171 -6.70 18.01 5.88
CA VAL A 171 -5.44 17.45 5.42
C VAL A 171 -5.70 16.06 4.83
N LYS A 172 -5.23 15.81 3.61
CA LYS A 172 -5.29 14.49 3.01
C LYS A 172 -4.17 14.39 1.96
N PHE A 173 -3.52 13.22 1.84
CA PHE A 173 -2.42 12.99 0.91
C PHE A 173 -1.38 14.09 1.01
N SER A 174 -0.95 14.35 2.24
CA SER A 174 -0.18 15.54 2.55
C SER A 174 1.29 15.31 2.83
N CYS A 175 2.09 16.26 2.40
CA CYS A 175 3.47 16.42 2.88
C CYS A 175 3.46 16.98 4.30
N MET A 176 4.60 16.85 4.98
CA MET A 176 4.86 17.54 6.26
C MET A 176 6.32 17.88 6.29
N ALA A 177 6.62 19.17 6.16
CA ALA A 177 8.01 19.58 6.06
C ALA A 177 8.27 20.91 6.77
N TRP A 178 9.08 20.85 7.83
CA TRP A 178 9.39 22.05 8.59
C TRP A 178 10.48 22.89 7.90
N THR A 179 10.34 24.20 7.86
CA THR A 179 11.50 25.03 7.50
C THR A 179 12.55 24.91 8.60
N HIS A 180 13.83 25.00 8.23
CA HIS A 180 14.92 24.76 9.19
C HIS A 180 15.10 25.92 10.16
N ASP A 181 14.42 27.04 9.94
CA ASP A 181 14.37 28.11 10.95
C ASP A 181 13.45 27.77 12.10
N GLY A 182 12.73 26.65 12.03
CA GLY A 182 11.84 26.24 13.11
C GLY A 182 10.56 27.05 13.22
N LYS A 183 10.29 27.92 12.24
CA LYS A 183 9.14 28.82 12.33
C LYS A 183 7.79 28.13 12.07
N GLY A 184 7.82 27.16 11.20
CA GLY A 184 6.56 26.57 10.74
C GLY A 184 6.77 25.43 9.81
N MET A 185 5.65 24.93 9.26
CA MET A 185 5.67 23.65 8.53
C MET A 185 4.78 23.75 7.30
N PHE A 186 5.29 23.23 6.19
CA PHE A 186 4.48 23.01 4.98
C PHE A 186 3.60 21.78 5.12
N TYR A 187 2.42 21.85 4.53
CA TYR A 187 1.46 20.73 4.49
C TYR A 187 0.47 20.98 3.36
N ASN A 188 -0.36 19.97 3.05
CA ASN A 188 -1.40 20.12 2.03
C ASN A 188 -2.78 20.05 2.63
N ALA A 189 -3.70 20.78 2.00
CA ALA A 189 -5.11 20.71 2.39
C ALA A 189 -6.03 20.87 1.18
N TYR A 190 -7.23 20.33 1.32
CA TYR A 190 -8.29 20.48 0.31
C TYR A 190 -9.28 21.54 0.72
N PRO A 191 -9.89 22.19 -0.27
CA PRO A 191 -10.88 23.23 0.08
C PRO A 191 -12.11 22.64 0.73
N GLN A 192 -12.84 23.48 1.46
CA GLN A 192 -14.10 23.03 2.08
C GLN A 192 -15.04 22.45 1.05
N GLN A 193 -15.81 21.44 1.45
CA GLN A 193 -16.75 20.80 0.57
C GLN A 193 -18.08 20.57 1.28
N ASP A 194 -19.14 20.47 0.48
CA ASP A 194 -20.48 20.16 1.01
C ASP A 194 -20.49 18.72 1.52
N GLY A 195 -21.30 18.47 2.55
CA GLY A 195 -21.46 17.15 3.09
C GLY A 195 -20.32 16.78 4.00
N LYS A 196 -20.17 15.48 4.24
CA LYS A 196 -19.22 14.95 5.20
C LYS A 196 -17.82 14.86 4.65
N SER A 197 -16.84 14.97 5.56
CA SER A 197 -15.43 14.69 5.26
C SER A 197 -14.87 13.83 6.39
N ASP A 198 -15.46 12.64 6.55
CA ASP A 198 -15.10 11.72 7.62
C ASP A 198 -14.67 10.34 7.14
N GLY A 199 -14.68 10.15 5.82
CA GLY A 199 -14.32 8.86 5.23
C GLY A 199 -15.52 8.02 4.79
N THR A 200 -16.75 8.46 5.12
CA THR A 200 -17.94 7.77 4.61
C THR A 200 -18.50 8.40 3.35
N GLU A 201 -18.02 9.58 2.96
CA GLU A 201 -18.48 10.25 1.74
C GLU A 201 -17.77 9.69 0.51
N THR A 202 -18.32 10.00 -0.67
CA THR A 202 -17.68 9.52 -1.93
C THR A 202 -17.10 10.69 -2.74
N SER A 203 -17.23 11.91 -2.21
CA SER A 203 -16.91 13.12 -2.96
C SER A 203 -15.49 13.12 -3.52
N THR A 204 -15.34 13.51 -4.78
CA THR A 204 -14.02 13.59 -5.42
C THR A 204 -13.16 14.66 -4.76
N ASN A 205 -11.87 14.38 -4.67
CA ASN A 205 -10.90 15.30 -4.05
C ASN A 205 -10.08 16.00 -5.10
N LEU A 206 -10.35 17.30 -5.26
CA LEU A 206 -9.70 18.14 -6.27
C LEU A 206 -9.19 19.43 -5.62
N HIS A 207 -8.31 20.10 -6.35
CA HIS A 207 -7.78 21.42 -5.95
C HIS A 207 -6.99 21.37 -4.64
N GLN A 208 -6.20 20.30 -4.46
CA GLN A 208 -5.32 20.29 -3.30
C GLN A 208 -4.31 21.43 -3.37
N LYS A 209 -4.08 22.11 -2.24
CA LYS A 209 -3.14 23.25 -2.22
C LYS A 209 -2.01 23.02 -1.23
N LEU A 210 -0.94 23.78 -1.38
CA LEU A 210 0.20 23.75 -0.45
C LEU A 210 0.16 25.00 0.46
N TYR A 211 0.10 24.75 1.76
CA TYR A 211 0.05 25.81 2.78
C TYR A 211 1.28 25.74 3.69
N TYR A 212 1.54 26.87 4.36
CA TYR A 212 2.58 26.96 5.37
C TYR A 212 1.96 27.42 6.68
N HIS A 213 2.08 26.58 7.71
CA HIS A 213 1.57 26.91 9.03
C HIS A 213 2.68 27.41 9.94
N VAL A 214 2.51 28.64 10.45
CA VAL A 214 3.41 29.23 11.45
C VAL A 214 3.02 28.69 12.83
N LEU A 215 3.97 28.09 13.52
CA LEU A 215 3.68 27.49 14.83
C LEU A 215 3.22 28.62 15.78
N GLY A 216 2.15 28.34 16.51
CA GLY A 216 1.61 29.31 17.49
C GLY A 216 0.52 30.20 16.91
N THR A 217 0.01 29.88 15.72
CA THR A 217 -1.06 30.66 15.08
C THR A 217 -2.25 29.74 14.80
N ASP A 218 -3.40 30.35 14.43
CA ASP A 218 -4.56 29.57 13.96
C ASP A 218 -4.37 29.19 12.50
N GLN A 219 -4.95 28.06 12.11
CA GLN A 219 -4.87 27.61 10.72
C GLN A 219 -5.41 28.64 9.72
N SER A 220 -6.39 29.45 10.12
CA SER A 220 -6.93 30.48 9.24
C SER A 220 -5.87 31.49 8.79
N GLU A 221 -4.74 31.58 9.51
CA GLU A 221 -3.67 32.51 9.15
C GLU A 221 -2.62 31.89 8.21
N ASP A 222 -2.75 30.58 7.92
CA ASP A 222 -1.74 29.89 7.12
C ASP A 222 -1.56 30.50 5.74
N ILE A 223 -0.32 30.47 5.26
CA ILE A 223 0.07 31.11 4.01
C ILE A 223 -0.15 30.11 2.85
N LEU A 224 -0.83 30.56 1.79
CA LEU A 224 -0.95 29.75 0.57
C LEU A 224 0.32 29.94 -0.26
N CYS A 225 1.04 28.84 -0.50
CA CYS A 225 2.36 28.88 -1.14
C CYS A 225 2.39 28.33 -2.56
N ALA A 226 1.48 27.41 -2.88
CA ALA A 226 1.32 26.92 -4.27
C ALA A 226 -0.09 26.44 -4.47
N GLU A 227 -0.63 26.71 -5.65
CA GLU A 227 -1.94 26.18 -6.06
C GLU A 227 -2.01 26.07 -7.56
N PHE A 228 -2.91 25.22 -8.04
CA PHE A 228 -2.99 24.93 -9.49
C PHE A 228 -4.43 25.01 -9.96
N PRO A 229 -5.01 26.25 -9.99
CA PRO A 229 -6.42 26.41 -10.24
C PRO A 229 -6.92 25.86 -11.60
N ASP A 230 -6.03 25.83 -12.59
CA ASP A 230 -6.37 25.31 -13.90
C ASP A 230 -6.10 23.83 -14.07
N GLU A 231 -5.61 23.20 -12.99
CA GLU A 231 -5.19 21.77 -13.05
C GLU A 231 -5.67 21.09 -11.77
N PRO A 232 -6.99 20.82 -11.70
CA PRO A 232 -7.55 20.36 -10.42
C PRO A 232 -7.02 19.05 -9.87
N LYS A 233 -6.40 18.22 -10.69
CA LYS A 233 -5.87 16.93 -10.22
C LYS A 233 -4.43 17.05 -9.74
N TRP A 234 -3.73 18.20 -9.95
CA TRP A 234 -2.34 18.28 -9.51
C TRP A 234 -2.21 18.33 -8.00
N MET A 235 -1.15 17.73 -7.48
CA MET A 235 -0.89 17.65 -6.04
C MET A 235 0.58 18.00 -5.86
N GLY A 236 0.86 19.10 -5.17
CA GLY A 236 2.24 19.56 -4.96
C GLY A 236 2.73 19.33 -3.54
N GLY A 237 3.68 18.42 -3.36
CA GLY A 237 4.25 18.16 -2.06
C GLY A 237 5.60 18.84 -1.92
N ALA A 238 5.85 19.37 -0.73
CA ALA A 238 7.09 20.11 -0.42
C ALA A 238 8.01 19.32 0.50
N GLU A 239 9.31 19.52 0.29
CA GLU A 239 10.34 19.06 1.22
C GLU A 239 11.41 20.13 1.24
N LEU A 240 12.16 20.23 2.34
CA LEU A 240 13.32 21.10 2.39
C LEU A 240 14.57 20.33 2.00
N SER A 241 15.48 20.97 1.26
CA SER A 241 16.81 20.42 1.07
C SER A 241 17.51 20.22 2.42
N ASP A 242 18.48 19.32 2.44
CA ASP A 242 19.17 18.96 3.69
C ASP A 242 19.83 20.19 4.37
N ASP A 243 20.26 21.19 3.60
CA ASP A 243 20.90 22.40 4.11
C ASP A 243 19.87 23.49 4.45
N GLY A 244 18.58 23.20 4.24
CA GLY A 244 17.52 24.15 4.60
C GLY A 244 17.29 25.27 3.61
N ARG A 245 18.12 25.36 2.57
CA ARG A 245 18.06 26.53 1.68
C ARG A 245 16.91 26.51 0.67
N TYR A 246 16.51 25.31 0.23
CA TYR A 246 15.56 25.22 -0.88
C TYR A 246 14.33 24.45 -0.46
N VAL A 247 13.17 24.95 -0.87
CA VAL A 247 11.95 24.12 -0.84
C VAL A 247 11.87 23.43 -2.21
N LEU A 248 11.77 22.10 -2.23
CA LEU A 248 11.56 21.37 -3.48
C LEU A 248 10.10 20.94 -3.56
N LEU A 249 9.45 21.27 -4.66
CA LEU A 249 8.03 21.00 -4.88
C LEU A 249 7.91 19.89 -5.91
N SER A 250 7.37 18.73 -5.50
CA SER A 250 7.16 17.59 -6.41
C SER A 250 5.71 17.59 -6.76
N ILE A 251 5.39 17.87 -8.01
CA ILE A 251 3.99 17.92 -8.44
C ILE A 251 3.62 16.62 -9.13
N ARG A 252 2.57 15.97 -8.63
CA ARG A 252 2.03 14.74 -9.23
C ARG A 252 0.67 14.95 -9.85
N GLU A 253 0.40 14.19 -10.91
CA GLU A 253 -0.95 14.09 -11.45
C GLU A 253 -1.16 12.59 -11.78
N GLY A 254 -1.84 11.92 -10.88
CA GLY A 254 -2.06 10.49 -11.07
C GLY A 254 -1.02 9.71 -10.32
N CYS A 255 -0.97 8.43 -10.64
CA CYS A 255 -0.17 7.50 -9.87
C CYS A 255 1.11 7.00 -10.53
N ASP A 256 1.44 7.47 -11.75
CA ASP A 256 2.69 7.08 -12.38
C ASP A 256 3.87 7.63 -11.59
N PRO A 257 5.03 6.94 -11.65
CA PRO A 257 6.22 7.44 -11.00
C PRO A 257 6.86 8.51 -11.90
N VAL A 258 6.23 9.67 -11.89
CA VAL A 258 6.72 10.88 -12.60
C VAL A 258 6.29 12.07 -11.75
N ASN A 259 6.99 13.18 -11.92
CA ASN A 259 6.65 14.41 -11.22
C ASN A 259 7.29 15.61 -11.89
N ARG A 260 6.60 16.75 -11.85
CA ARG A 260 7.32 18.02 -12.05
C ARG A 260 8.16 18.29 -10.81
N LEU A 261 9.22 19.07 -10.98
CA LEU A 261 10.08 19.45 -9.86
C LEU A 261 10.35 20.94 -9.97
N TRP A 262 9.78 21.70 -9.04
CA TRP A 262 10.08 23.13 -8.99
C TRP A 262 10.84 23.38 -7.70
N TYR A 263 11.59 24.47 -7.62
CA TYR A 263 12.28 24.78 -6.38
C TYR A 263 12.14 26.25 -6.03
N CYS A 264 12.25 26.53 -4.74
CA CYS A 264 12.30 27.92 -4.27
C CYS A 264 13.55 28.07 -3.43
N ASP A 265 14.45 28.98 -3.81
CA ASP A 265 15.58 29.31 -2.97
C ASP A 265 15.07 30.27 -1.87
N LEU A 266 14.94 29.80 -0.63
CA LEU A 266 14.30 30.62 0.41
C LEU A 266 15.02 31.93 0.70
N GLN A 267 16.30 31.96 0.46
CA GLN A 267 17.10 33.19 0.67
C GLN A 267 16.69 34.27 -0.32
N GLN A 268 16.08 33.85 -1.43
CA GLN A 268 15.68 34.80 -2.48
C GLN A 268 14.27 35.35 -2.26
N GLU A 269 13.57 34.89 -1.21
CA GLU A 269 12.27 35.45 -0.90
C GLU A 269 12.45 36.87 -0.45
N SER A 270 11.55 37.75 -0.85
CA SER A 270 11.71 39.16 -0.53
C SER A 270 11.62 39.47 0.96
N ASN A 271 10.75 38.75 1.68
CA ASN A 271 10.52 38.98 3.11
C ASN A 271 10.02 37.70 3.86
N GLY A 272 10.74 36.60 3.74
CA GLY A 272 10.27 35.31 4.26
C GLY A 272 9.10 34.73 3.49
N ILE A 273 8.42 33.75 4.08
CA ILE A 273 7.29 33.08 3.43
C ILE A 273 6.02 33.89 3.69
N THR A 274 5.57 34.63 2.68
CA THR A 274 4.44 35.56 2.84
C THR A 274 3.34 35.32 1.81
N GLY A 275 3.59 34.48 0.83
CA GLY A 275 2.55 34.19 -0.17
C GLY A 275 3.04 33.17 -1.15
N ILE A 276 2.55 33.23 -2.38
CA ILE A 276 3.01 32.31 -3.42
C ILE A 276 4.53 32.48 -3.58
N LEU A 277 5.30 31.42 -3.48
CA LEU A 277 6.77 31.50 -3.50
C LEU A 277 7.26 31.73 -4.93
N LYS A 278 8.49 32.19 -5.04
CA LYS A 278 9.15 32.45 -6.33
C LYS A 278 9.66 31.15 -6.93
N TRP A 279 8.72 30.30 -7.35
CA TRP A 279 9.07 28.99 -7.88
C TRP A 279 9.90 29.07 -9.15
N VAL A 280 10.94 28.27 -9.21
CA VAL A 280 11.76 28.09 -10.42
C VAL A 280 11.43 26.72 -10.97
N LYS A 281 10.92 26.69 -12.20
CA LYS A 281 10.32 25.47 -12.74
C LYS A 281 11.37 24.63 -13.46
N LEU A 282 12.22 24.01 -12.66
CA LEU A 282 13.38 23.23 -13.14
C LEU A 282 12.97 22.14 -14.13
N ILE A 283 12.05 21.31 -13.70
CA ILE A 283 11.49 20.23 -14.56
C ILE A 283 9.98 20.48 -14.62
N ASP A 284 9.51 20.97 -15.76
CA ASP A 284 8.14 21.45 -15.82
C ASP A 284 7.29 20.60 -16.77
N ASN A 285 7.32 19.29 -16.54
CA ASN A 285 6.54 18.33 -17.32
C ASN A 285 6.45 17.06 -16.45
N PHE A 286 5.68 16.07 -16.94
CA PHE A 286 5.46 14.81 -16.24
C PHE A 286 6.14 13.64 -16.98
N GLU A 287 7.30 13.90 -17.58
CA GLU A 287 7.98 12.85 -18.36
C GLU A 287 8.83 11.92 -17.51
N GLY A 288 9.18 12.28 -16.29
CA GLY A 288 10.08 11.43 -15.50
C GLY A 288 9.91 11.69 -14.02
N GLU A 289 10.38 10.76 -13.21
CA GLU A 289 10.47 10.96 -11.75
C GLU A 289 11.81 11.57 -11.35
N TYR A 290 11.76 12.51 -10.40
CA TYR A 290 12.96 13.12 -9.78
C TYR A 290 12.73 13.11 -8.30
N ASP A 291 13.41 12.18 -7.61
CA ASP A 291 13.29 12.00 -6.16
C ASP A 291 14.55 12.54 -5.50
N TYR A 292 14.42 13.61 -4.72
CA TYR A 292 15.56 14.24 -4.07
C TYR A 292 16.30 13.31 -3.12
N VAL A 293 17.63 13.22 -3.31
CA VAL A 293 18.46 12.48 -2.40
C VAL A 293 19.24 13.42 -1.49
N THR A 294 20.02 14.32 -2.08
CA THR A 294 20.79 15.31 -1.31
C THR A 294 21.24 16.40 -2.26
N ASN A 295 21.86 17.43 -1.71
CA ASN A 295 22.56 18.44 -2.51
C ASN A 295 23.84 18.87 -1.82
N GLU A 296 24.74 19.41 -2.64
CA GLU A 296 25.97 20.06 -2.16
C GLU A 296 25.98 21.37 -2.90
N GLY A 297 25.60 22.45 -2.21
CA GLY A 297 25.39 23.72 -2.89
C GLY A 297 24.32 23.56 -3.97
N THR A 298 24.65 23.99 -5.19
CA THR A 298 23.68 23.94 -6.28
C THR A 298 23.64 22.59 -7.00
N VAL A 299 24.45 21.62 -6.58
CA VAL A 299 24.44 20.30 -7.23
C VAL A 299 23.53 19.35 -6.49
N PHE A 300 22.42 19.01 -7.17
CA PHE A 300 21.36 18.21 -6.58
C PHE A 300 21.40 16.79 -7.14
N THR A 301 21.46 15.82 -6.23
CA THR A 301 21.42 14.41 -6.58
C THR A 301 19.95 13.92 -6.50
N PHE A 302 19.46 13.35 -7.61
CA PHE A 302 18.12 12.77 -7.71
C PHE A 302 18.18 11.32 -8.16
N LYS A 303 17.31 10.50 -7.57
CA LYS A 303 16.95 9.23 -8.18
C LYS A 303 15.92 9.49 -9.29
N THR A 304 16.16 8.94 -10.46
CA THR A 304 15.30 9.17 -11.60
C THR A 304 15.01 7.90 -12.39
N ASN A 305 13.91 7.89 -13.15
CA ASN A 305 13.68 6.90 -14.17
C ASN A 305 13.67 7.51 -15.59
N ARG A 306 14.13 8.75 -15.72
CA ARG A 306 14.19 9.43 -17.04
C ARG A 306 15.13 8.65 -17.96
N HIS A 307 14.52 8.03 -18.98
CA HIS A 307 15.18 7.12 -19.92
C HIS A 307 15.98 6.04 -19.22
N SER A 308 15.49 5.63 -18.05
CA SER A 308 16.19 4.66 -17.19
C SER A 308 15.12 3.90 -16.41
N PRO A 309 14.45 2.92 -17.05
CA PRO A 309 13.33 2.27 -16.37
C PRO A 309 13.69 1.44 -15.13
N ASN A 310 14.99 1.09 -14.94
CA ASN A 310 15.43 0.42 -13.71
C ASN A 310 15.95 1.40 -12.66
N TYR A 311 15.88 2.67 -13.00
CA TYR A 311 16.28 3.80 -12.15
C TYR A 311 17.80 4.00 -12.06
N ARG A 312 18.20 5.23 -11.78
CA ARG A 312 19.61 5.61 -11.69
C ARG A 312 19.72 6.89 -10.86
N LEU A 313 20.95 7.25 -10.50
CA LEU A 313 21.20 8.55 -9.84
C LEU A 313 21.84 9.54 -10.78
N ILE A 314 21.28 10.76 -10.81
CA ILE A 314 21.82 11.86 -11.62
C ILE A 314 22.10 13.05 -10.73
N ASN A 315 23.06 13.90 -11.13
CA ASN A 315 23.28 15.20 -10.51
C ASN A 315 22.86 16.27 -11.48
N ILE A 316 21.93 17.13 -11.05
CA ILE A 316 21.53 18.31 -11.79
C ILE A 316 22.06 19.53 -11.05
N ASP A 317 22.85 20.35 -11.74
CA ASP A 317 23.37 21.60 -11.15
C ASP A 317 22.38 22.68 -11.49
N PHE A 318 21.78 23.31 -10.47
CA PHE A 318 20.79 24.36 -10.73
C PHE A 318 21.39 25.55 -11.50
N THR A 319 22.71 25.72 -11.48
CA THR A 319 23.36 26.79 -12.25
C THR A 319 23.70 26.41 -13.68
N ASP A 320 23.45 25.17 -14.07
CA ASP A 320 23.70 24.66 -15.43
C ASP A 320 22.72 23.50 -15.68
N PRO A 321 21.41 23.82 -15.71
CA PRO A 321 20.37 22.79 -15.54
C PRO A 321 19.93 22.08 -16.80
N GLU A 322 20.43 22.46 -17.98
CA GLU A 322 20.05 21.75 -19.21
C GLU A 322 20.38 20.23 -19.12
N GLU A 323 19.50 19.39 -19.67
CA GLU A 323 19.63 17.93 -19.53
C GLU A 323 20.96 17.37 -20.06
N SER A 324 21.47 17.93 -21.16
CA SER A 324 22.73 17.45 -21.74
C SER A 324 23.90 17.63 -20.75
N LYS A 325 23.72 18.47 -19.72
CA LYS A 325 24.76 18.74 -18.75
C LYS A 325 24.69 17.88 -17.48
N TRP A 326 23.58 17.14 -17.30
CA TRP A 326 23.42 16.35 -16.08
C TRP A 326 24.54 15.32 -15.98
N LYS A 327 25.06 15.08 -14.79
CA LYS A 327 26.03 14.01 -14.61
C LYS A 327 25.34 12.72 -14.12
N VAL A 328 25.75 11.58 -14.67
CA VAL A 328 25.18 10.30 -14.24
C VAL A 328 26.09 9.78 -13.12
N LEU A 329 25.64 9.94 -11.89
CA LEU A 329 26.44 9.56 -10.72
C LEU A 329 26.48 8.04 -10.51
N VAL A 330 25.32 7.38 -10.56
CA VAL A 330 25.25 5.92 -10.49
C VAL A 330 24.38 5.46 -11.66
N PRO A 331 25.00 4.94 -12.74
CA PRO A 331 24.20 4.51 -13.90
C PRO A 331 23.20 3.44 -13.59
N GLU A 332 22.23 3.34 -14.48
CA GLU A 332 21.21 2.28 -14.43
C GLU A 332 21.83 0.89 -14.58
N HIS A 333 21.30 -0.07 -13.84
CA HIS A 333 21.66 -1.50 -14.00
C HIS A 333 20.78 -2.12 -15.06
N GLU A 334 21.29 -3.14 -15.75
CA GLU A 334 20.57 -3.81 -16.83
C GLU A 334 19.32 -4.52 -16.34
N LYS A 335 19.33 -5.01 -15.10
CA LYS A 335 18.16 -5.75 -14.61
C LYS A 335 17.69 -5.32 -13.23
N ASP A 336 18.64 -5.00 -12.35
CA ASP A 336 18.30 -4.66 -10.97
C ASP A 336 17.74 -3.27 -10.82
N VAL A 337 16.66 -3.19 -10.07
CA VAL A 337 15.92 -1.95 -9.90
C VAL A 337 16.48 -1.24 -8.70
N LEU A 338 16.86 0.03 -8.90
CA LEU A 338 17.24 0.89 -7.76
C LEU A 338 15.97 1.37 -7.06
N GLU A 339 15.64 0.77 -5.92
CA GLU A 339 14.36 1.02 -5.24
C GLU A 339 14.32 2.33 -4.48
N TRP A 340 15.37 2.63 -3.71
CA TRP A 340 15.44 3.87 -2.95
C TRP A 340 16.90 4.15 -2.59
N VAL A 341 17.18 5.40 -2.26
CA VAL A 341 18.51 5.88 -1.94
C VAL A 341 18.40 6.91 -0.81
N ALA A 342 19.35 6.84 0.12
CA ALA A 342 19.46 7.80 1.23
C ALA A 342 20.86 8.34 1.30
N CYS A 343 21.02 9.55 1.79
CA CYS A 343 22.33 10.13 2.06
C CYS A 343 22.54 10.15 3.57
N VAL A 344 23.72 9.69 4.01
CA VAL A 344 24.01 9.61 5.44
C VAL A 344 25.46 9.94 5.69
N ARG A 345 25.73 10.50 6.88
CA ARG A 345 27.10 10.83 7.31
C ARG A 345 27.82 11.71 6.28
N SER A 346 27.11 12.76 5.85
CA SER A 346 27.57 13.77 4.89
C SER A 346 27.77 13.27 3.47
N ASN A 347 28.65 12.28 3.30
CA ASN A 347 29.13 11.94 1.97
C ASN A 347 29.01 10.46 1.63
N PHE A 348 28.13 9.74 2.33
CA PHE A 348 27.75 8.37 1.91
C PHE A 348 26.34 8.35 1.32
N LEU A 349 26.15 7.38 0.42
CA LEU A 349 24.82 7.01 -0.07
C LEU A 349 24.54 5.55 0.23
N VAL A 350 23.32 5.31 0.71
CA VAL A 350 22.82 3.93 0.90
C VAL A 350 21.87 3.63 -0.25
N LEU A 351 22.18 2.60 -1.04
CA LEU A 351 21.35 2.25 -2.21
C LEU A 351 20.72 0.92 -1.93
N CYS A 352 19.40 0.80 -2.13
CA CYS A 352 18.71 -0.47 -1.93
C CYS A 352 18.23 -0.93 -3.32
N TYR A 353 18.70 -2.09 -3.78
CA TYR A 353 18.30 -2.65 -5.08
C TYR A 353 17.32 -3.79 -4.89
N LEU A 354 16.54 -4.07 -5.94
CA LEU A 354 15.72 -5.27 -6.01
C LEU A 354 16.32 -6.14 -7.11
N HIS A 355 16.79 -7.31 -6.72
CA HIS A 355 17.39 -8.28 -7.62
C HIS A 355 16.53 -9.55 -7.63
N ASP A 356 15.85 -9.83 -8.73
CA ASP A 356 14.88 -10.94 -8.79
C ASP A 356 14.00 -10.99 -7.53
N VAL A 357 13.43 -9.84 -7.18
CA VAL A 357 12.41 -9.73 -6.13
C VAL A 357 12.96 -9.93 -4.71
N LYS A 358 14.26 -9.72 -4.56
CA LYS A 358 14.92 -9.78 -3.25
C LYS A 358 15.76 -8.52 -3.07
N ASN A 359 15.80 -7.98 -1.86
CA ASN A 359 16.60 -6.75 -1.66
C ASN A 359 18.09 -6.98 -1.42
N THR A 360 18.89 -6.04 -1.90
CA THR A 360 20.30 -5.91 -1.55
C THR A 360 20.53 -4.50 -1.08
N LEU A 361 21.60 -4.29 -0.31
CA LEU A 361 21.87 -2.99 0.31
C LEU A 361 23.36 -2.68 0.17
N GLN A 362 23.67 -1.49 -0.35
CA GLN A 362 25.06 -1.08 -0.69
C GLN A 362 25.35 0.31 -0.17
N LEU A 363 26.58 0.53 0.24
CA LEU A 363 27.08 1.86 0.59
C LEU A 363 27.95 2.37 -0.55
N HIS A 364 27.67 3.61 -1.02
CA HIS A 364 28.45 4.25 -2.09
C HIS A 364 29.01 5.60 -1.66
N ASP A 365 30.07 6.04 -2.34
CA ASP A 365 30.63 7.39 -2.15
C ASP A 365 29.74 8.41 -2.86
N LEU A 366 29.39 9.50 -2.17
CA LEU A 366 28.61 10.59 -2.83
C LEU A 366 29.33 11.28 -3.98
N ALA A 367 30.64 11.53 -3.84
CA ALA A 367 31.32 12.32 -4.87
C ALA A 367 31.50 11.59 -6.19
N THR A 368 31.71 10.28 -6.16
CA THR A 368 31.99 9.52 -7.37
C THR A 368 30.92 8.50 -7.69
N GLY A 369 30.07 8.15 -6.72
CA GLY A 369 29.11 7.09 -6.93
C GLY A 369 29.71 5.70 -6.77
N ALA A 370 31.02 5.59 -6.45
CA ALA A 370 31.63 4.27 -6.37
C ALA A 370 31.08 3.42 -5.22
N LEU A 371 30.98 2.12 -5.47
CA LEU A 371 30.59 1.13 -4.45
C LEU A 371 31.70 1.05 -3.40
N LEU A 372 31.34 1.18 -2.13
CA LEU A 372 32.27 1.05 -0.98
C LEU A 372 32.05 -0.22 -0.18
N LYS A 373 30.81 -0.66 -0.02
CA LYS A 373 30.53 -1.73 0.94
C LYS A 373 29.21 -2.39 0.62
N ILE A 374 29.19 -3.70 0.67
CA ILE A 374 27.92 -4.45 0.58
C ILE A 374 27.49 -4.81 1.99
N PHE A 375 26.24 -4.51 2.35
CA PHE A 375 25.67 -5.00 3.59
C PHE A 375 24.94 -6.33 3.31
N PRO A 376 25.47 -7.45 3.84
CA PRO A 376 24.88 -8.71 3.44
C PRO A 376 23.51 -8.99 4.09
N LEU A 377 22.63 -9.60 3.31
CA LEU A 377 21.27 -9.91 3.72
C LEU A 377 20.92 -11.32 3.29
N GLU A 378 20.06 -11.97 4.07
CA GLU A 378 19.42 -13.22 3.63
C GLU A 378 18.35 -12.87 2.57
N VAL A 379 17.70 -13.87 1.99
CA VAL A 379 16.68 -13.63 0.98
C VAL A 379 15.47 -13.03 1.65
N GLY A 380 15.10 -11.82 1.23
CA GLY A 380 13.93 -11.17 1.79
C GLY A 380 13.93 -9.69 1.44
N SER A 381 13.41 -8.88 2.35
CA SER A 381 13.05 -7.47 2.06
C SER A 381 13.63 -6.55 3.11
N VAL A 382 14.06 -5.37 2.68
CA VAL A 382 14.33 -4.28 3.63
C VAL A 382 13.04 -3.48 3.79
N VAL A 383 12.49 -3.43 4.99
CA VAL A 383 11.18 -2.77 5.18
C VAL A 383 11.27 -1.55 6.09
N GLY A 384 12.48 -1.19 6.51
CA GLY A 384 12.65 -0.01 7.36
C GLY A 384 14.09 0.44 7.27
N TYR A 385 14.32 1.74 7.44
CA TYR A 385 15.66 2.32 7.35
C TYR A 385 15.69 3.63 8.09
N SER A 386 16.79 3.92 8.75
CA SER A 386 17.07 5.29 9.19
C SER A 386 18.52 5.68 8.97
N GLY A 387 18.72 6.97 8.72
CA GLY A 387 20.06 7.54 8.55
C GLY A 387 20.01 8.70 7.58
N GLN A 388 19.90 9.90 8.14
CA GLN A 388 19.95 11.12 7.32
C GLN A 388 21.32 11.75 7.25
N LYS A 389 21.45 12.82 6.45
CA LYS A 389 22.75 13.37 6.11
C LYS A 389 23.60 13.76 7.32
N LYS A 390 22.97 14.36 8.31
CA LYS A 390 23.71 14.83 9.47
C LYS A 390 23.96 13.74 10.50
N ASP A 391 23.34 12.57 10.32
CA ASP A 391 23.49 11.43 11.24
C ASP A 391 24.75 10.66 10.87
N THR A 392 25.28 9.87 11.80
CA THR A 392 26.53 9.13 11.54
C THR A 392 26.39 7.62 11.68
N GLU A 393 25.15 7.14 11.67
CA GLU A 393 24.86 5.72 11.77
C GLU A 393 23.61 5.39 10.99
N ILE A 394 23.48 4.12 10.64
CA ILE A 394 22.27 3.61 10.00
C ILE A 394 21.65 2.50 10.81
N PHE A 395 20.33 2.39 10.74
CA PHE A 395 19.60 1.22 11.16
C PHE A 395 18.83 0.74 9.93
N TYR A 396 18.61 -0.57 9.81
CA TYR A 396 17.74 -1.07 8.77
C TYR A 396 17.07 -2.35 9.21
N GLN A 397 15.85 -2.54 8.75
CA GLN A 397 15.08 -3.69 9.15
C GLN A 397 14.84 -4.65 7.99
N PHE A 398 15.15 -5.91 8.25
CA PHE A 398 15.01 -6.98 7.26
C PHE A 398 13.88 -7.91 7.68
N THR A 399 13.09 -8.38 6.73
CA THR A 399 12.07 -9.41 6.98
C THR A 399 12.05 -10.41 5.83
N SER A 400 11.40 -11.55 6.06
CA SER A 400 11.26 -12.59 5.02
C SER A 400 10.01 -13.39 5.32
N PHE A 401 9.74 -14.40 4.50
CA PHE A 401 8.54 -15.20 4.71
C PHE A 401 8.56 -15.98 6.01
N LEU A 402 9.74 -16.32 6.51
CA LEU A 402 9.82 -17.29 7.61
C LEU A 402 10.33 -16.69 8.89
N SER A 403 10.80 -15.45 8.83
CA SER A 403 11.24 -14.77 10.05
C SER A 403 10.72 -13.34 10.22
N PRO A 404 10.30 -13.02 11.46
CA PRO A 404 9.73 -11.70 11.78
C PRO A 404 10.76 -10.63 11.50
N GLY A 405 12.02 -11.03 11.55
CA GLY A 405 13.08 -10.21 11.04
C GLY A 405 14.04 -9.64 12.06
N ILE A 406 14.90 -8.77 11.56
CA ILE A 406 16.11 -8.37 12.27
C ILE A 406 16.30 -6.89 11.99
N ILE A 407 16.57 -6.11 13.04
CA ILE A 407 17.07 -4.75 12.89
C ILE A 407 18.56 -4.75 13.06
N TYR A 408 19.26 -4.28 12.03
CA TYR A 408 20.71 -4.11 12.02
C TYR A 408 21.11 -2.66 12.28
N HIS A 409 22.31 -2.47 12.84
CA HIS A 409 22.85 -1.15 13.12
C HIS A 409 24.27 -1.10 12.59
N CYS A 410 24.67 0.06 12.04
CA CYS A 410 26.05 0.27 11.64
C CYS A 410 26.50 1.68 11.96
N ASP A 411 27.57 1.80 12.76
CA ASP A 411 28.21 3.07 13.09
C ASP A 411 29.13 3.42 11.93
N LEU A 412 28.76 4.46 11.16
CA LEU A 412 29.52 4.78 9.96
C LEU A 412 30.68 5.71 10.24
N THR A 413 30.95 5.98 11.52
CA THR A 413 32.18 6.74 11.88
C THR A 413 33.42 5.86 11.98
N LYS A 414 33.21 4.55 11.91
CA LYS A 414 34.30 3.60 12.09
C LYS A 414 34.98 3.36 10.76
N GLU A 415 36.29 3.13 10.82
CA GLU A 415 37.08 2.97 9.62
C GLU A 415 36.68 1.69 8.91
N GLU A 416 36.45 0.65 9.70
CA GLU A 416 36.00 -0.62 9.15
C GLU A 416 34.59 -0.89 9.59
N LEU A 417 33.69 -0.86 8.60
CA LEU A 417 32.25 -0.89 8.80
C LEU A 417 31.78 -2.31 9.09
N GLU A 418 30.97 -2.43 10.14
CA GLU A 418 30.61 -3.73 10.68
C GLU A 418 29.15 -3.66 11.10
N PRO A 419 28.22 -4.02 10.18
CA PRO A 419 26.80 -4.06 10.59
C PRO A 419 26.60 -5.16 11.63
N ARG A 420 25.77 -4.86 12.62
CA ARG A 420 25.59 -5.77 13.74
C ARG A 420 24.11 -5.89 14.00
N VAL A 421 23.68 -7.07 14.48
CA VAL A 421 22.30 -7.25 14.91
C VAL A 421 22.02 -6.35 16.09
N PHE A 422 20.98 -5.55 15.98
CA PHE A 422 20.56 -4.64 17.03
C PHE A 422 19.31 -5.17 17.76
N ARG A 423 18.34 -5.70 17.01
CA ARG A 423 17.16 -6.34 17.62
C ARG A 423 16.77 -7.53 16.77
N GLU A 424 16.38 -8.62 17.40
CA GLU A 424 15.95 -9.81 16.68
C GLU A 424 14.90 -10.47 17.55
N VAL A 425 13.75 -10.77 16.96
CA VAL A 425 12.72 -11.49 17.71
C VAL A 425 12.39 -12.75 16.95
N THR A 426 12.11 -13.80 17.72
CA THR A 426 11.71 -15.06 17.14
C THR A 426 10.32 -15.43 17.62
N VAL A 427 9.55 -16.06 16.73
CA VAL A 427 8.21 -16.54 17.06
C VAL A 427 8.29 -18.02 17.40
N LYS A 428 7.99 -18.35 18.66
CA LYS A 428 7.93 -19.73 19.07
C LYS A 428 6.53 -20.26 18.77
N GLY A 429 6.47 -21.45 18.18
CA GLY A 429 5.23 -21.96 17.61
C GLY A 429 5.43 -22.19 16.12
N ILE A 430 6.31 -21.39 15.52
CA ILE A 430 6.72 -21.64 14.15
C ILE A 430 8.23 -21.86 14.09
N ASP A 431 8.58 -23.09 13.74
CA ASP A 431 9.96 -23.49 13.51
C ASP A 431 10.30 -23.28 12.03
N ALA A 432 11.04 -22.20 11.74
CA ALA A 432 11.34 -21.83 10.35
C ALA A 432 12.03 -22.97 9.58
N SER A 433 12.85 -23.75 10.28
CA SER A 433 13.56 -24.85 9.66
C SER A 433 12.66 -25.97 9.12
N ASP A 434 11.38 -25.98 9.52
CA ASP A 434 10.41 -26.96 8.98
C ASP A 434 9.92 -26.63 7.55
N TYR A 435 10.22 -25.41 7.07
CA TYR A 435 9.63 -24.89 5.81
C TYR A 435 10.72 -24.47 4.86
N GLN A 436 10.35 -24.32 3.59
CA GLN A 436 11.29 -23.78 2.62
C GLN A 436 10.58 -22.78 1.74
N THR A 437 11.36 -21.82 1.26
CA THR A 437 10.93 -20.88 0.24
C THR A 437 11.68 -21.16 -1.03
N VAL A 438 10.95 -21.34 -2.12
CA VAL A 438 11.56 -21.47 -3.44
C VAL A 438 11.07 -20.38 -4.38
N GLN A 439 11.93 -19.99 -5.30
CA GLN A 439 11.52 -19.06 -6.33
C GLN A 439 11.62 -19.78 -7.65
N ILE A 440 10.53 -19.71 -8.42
CA ILE A 440 10.51 -20.27 -9.76
C ILE A 440 10.12 -19.18 -10.76
N PHE A 441 10.31 -19.45 -12.04
CA PHE A 441 9.90 -18.52 -13.10
C PHE A 441 9.04 -19.31 -14.06
N TYR A 442 7.79 -18.91 -14.25
CA TYR A 442 6.86 -19.70 -15.08
C TYR A 442 6.49 -18.87 -16.32
N PRO A 443 6.24 -19.53 -17.46
CA PRO A 443 5.86 -18.72 -18.63
C PRO A 443 4.38 -18.35 -18.64
N SER A 444 4.10 -17.08 -18.94
CA SER A 444 2.72 -16.64 -19.13
C SER A 444 2.24 -16.97 -20.54
N LYS A 445 1.01 -16.57 -20.90
CA LYS A 445 0.43 -16.92 -22.23
C LYS A 445 1.36 -16.48 -23.35
N ASP A 446 1.94 -15.28 -23.23
CA ASP A 446 2.77 -14.70 -24.28
C ASP A 446 4.23 -15.11 -24.21
N GLY A 447 4.56 -16.03 -23.30
CA GLY A 447 5.92 -16.55 -23.14
C GLY A 447 6.77 -15.80 -22.11
N THR A 448 6.30 -14.66 -21.60
CA THR A 448 7.08 -13.91 -20.63
C THR A 448 7.23 -14.73 -19.34
N LYS A 449 8.45 -14.77 -18.82
CA LYS A 449 8.73 -15.50 -17.59
C LYS A 449 8.40 -14.64 -16.38
N ILE A 450 7.50 -15.15 -15.53
CA ILE A 450 7.02 -14.44 -14.34
C ILE A 450 7.61 -15.10 -13.08
N PRO A 451 8.19 -14.30 -12.15
CA PRO A 451 8.64 -14.90 -10.88
C PRO A 451 7.46 -15.30 -9.98
N MET A 452 7.66 -16.36 -9.23
CA MET A 452 6.73 -16.75 -8.17
C MET A 452 7.48 -17.33 -7.01
N PHE A 453 7.20 -16.83 -5.80
CA PHE A 453 7.70 -17.48 -4.57
C PHE A 453 6.68 -18.52 -4.13
N ILE A 454 7.16 -19.67 -3.65
CA ILE A 454 6.29 -20.71 -3.08
C ILE A 454 6.88 -21.08 -1.73
N VAL A 455 6.06 -21.08 -0.69
CA VAL A 455 6.47 -21.45 0.68
C VAL A 455 5.67 -22.65 1.13
N HIS A 456 6.37 -23.70 1.57
CA HIS A 456 5.68 -24.93 1.96
C HIS A 456 6.50 -25.73 2.95
N LYS A 457 5.83 -26.67 3.60
CA LYS A 457 6.53 -27.61 4.49
C LYS A 457 7.52 -28.46 3.69
N LYS A 458 8.74 -28.62 4.23
CA LYS A 458 9.75 -29.44 3.57
C LYS A 458 9.24 -30.89 3.42
N GLY A 459 9.53 -31.49 2.27
CA GLY A 459 9.26 -32.91 2.05
C GLY A 459 7.86 -33.29 1.58
N ILE A 460 7.00 -32.29 1.32
CA ILE A 460 5.66 -32.62 0.82
C ILE A 460 5.70 -33.31 -0.55
N LYS A 461 4.70 -34.14 -0.79
CA LYS A 461 4.56 -34.79 -2.08
C LYS A 461 3.79 -33.88 -3.03
N LEU A 462 4.31 -33.70 -4.22
CA LEU A 462 3.63 -32.88 -5.24
C LEU A 462 2.55 -33.69 -5.98
N ASP A 463 1.52 -34.07 -5.23
CA ASP A 463 0.45 -34.95 -5.73
C ASP A 463 -0.89 -34.22 -5.86
N GLY A 464 -0.85 -32.89 -5.81
CA GLY A 464 -2.06 -32.11 -6.02
C GLY A 464 -3.01 -32.04 -4.83
N SER A 465 -2.62 -32.62 -3.70
CA SER A 465 -3.55 -32.79 -2.57
C SER A 465 -3.59 -31.66 -1.53
N HIS A 466 -2.80 -30.61 -1.73
CA HIS A 466 -2.62 -29.58 -0.70
C HIS A 466 -3.44 -28.34 -1.01
N PRO A 467 -4.09 -27.77 0.00
CA PRO A 467 -4.73 -26.47 -0.21
C PRO A 467 -3.64 -25.44 -0.49
N ALA A 468 -3.95 -24.48 -1.36
CA ALA A 468 -2.97 -23.45 -1.66
C ALA A 468 -3.60 -22.06 -1.54
N PHE A 469 -2.77 -21.08 -1.21
CA PHE A 469 -3.20 -19.68 -1.07
C PHE A 469 -2.27 -18.86 -1.97
N LEU A 470 -2.82 -18.40 -3.08
CA LEU A 470 -2.06 -17.68 -4.15
C LEU A 470 -2.45 -16.20 -4.11
N TYR A 471 -1.43 -15.38 -3.88
CA TYR A 471 -1.59 -13.92 -3.70
C TYR A 471 -0.98 -13.14 -4.85
N GLY A 472 -1.63 -12.07 -5.30
CA GLY A 472 -1.02 -11.19 -6.29
C GLY A 472 -1.59 -9.80 -6.15
N TYR A 473 -0.95 -8.85 -6.82
CA TYR A 473 -1.42 -7.44 -6.88
C TYR A 473 -1.45 -7.04 -8.37
N GLY A 474 -0.28 -6.68 -8.91
CA GLY A 474 -0.13 -6.43 -10.35
C GLY A 474 -0.52 -5.02 -10.80
N GLY A 475 0.20 -4.00 -10.33
CA GLY A 475 -0.12 -2.64 -10.75
C GLY A 475 0.68 -1.63 -9.94
N PHE A 476 0.65 -0.40 -10.44
CA PHE A 476 1.08 0.77 -9.69
C PHE A 476 2.54 0.79 -9.30
N ASN A 477 3.34 0.03 -10.04
CA ASN A 477 4.79 -0.05 -9.81
C ASN A 477 5.07 -0.57 -8.41
N ILE A 478 4.13 -1.31 -7.82
CA ILE A 478 4.33 -1.87 -6.47
C ILE A 478 4.97 -3.28 -6.61
N SER A 479 6.12 -3.50 -5.96
CA SER A 479 6.76 -4.82 -5.98
C SER A 479 6.32 -5.61 -4.77
N ILE A 480 5.92 -6.86 -4.99
CA ILE A 480 5.44 -7.72 -3.90
C ILE A 480 6.58 -8.61 -3.45
N THR A 481 7.27 -8.13 -2.42
CA THR A 481 8.51 -8.76 -1.99
C THR A 481 8.26 -9.55 -0.69
N PRO A 482 9.21 -10.41 -0.29
CA PRO A 482 8.92 -11.29 0.84
C PRO A 482 8.62 -10.50 2.13
N ASN A 483 7.64 -10.97 2.87
CA ASN A 483 7.20 -10.30 4.10
C ASN A 483 6.76 -11.37 5.08
N TYR A 484 6.88 -11.08 6.36
CA TYR A 484 6.49 -12.02 7.40
C TYR A 484 5.02 -11.90 7.77
N SER A 485 4.29 -13.00 7.57
CA SER A 485 2.89 -13.07 7.91
C SER A 485 2.61 -14.31 8.74
N VAL A 486 2.34 -14.10 10.02
CA VAL A 486 1.93 -15.18 10.90
C VAL A 486 0.61 -15.79 10.40
N SER A 487 -0.29 -14.94 9.90
CA SER A 487 -1.58 -15.44 9.42
C SER A 487 -1.42 -16.46 8.31
N ARG A 488 -0.50 -16.21 7.37
CA ARG A 488 -0.29 -17.17 6.29
C ARG A 488 0.45 -18.41 6.79
N LEU A 489 1.36 -18.23 7.75
CA LEU A 489 2.10 -19.37 8.31
C LEU A 489 1.16 -20.30 9.09
N ILE A 490 0.11 -19.78 9.69
CA ILE A 490 -0.90 -20.64 10.34
C ILE A 490 -1.63 -21.47 9.27
N PHE A 491 -1.93 -20.89 8.12
CA PHE A 491 -2.50 -21.66 7.03
C PHE A 491 -1.57 -22.81 6.61
N VAL A 492 -0.27 -22.56 6.52
CA VAL A 492 0.73 -23.59 6.17
C VAL A 492 0.74 -24.68 7.27
N ARG A 493 1.02 -24.28 8.51
CA ARG A 493 1.25 -25.22 9.59
C ARG A 493 -0.03 -25.92 10.04
N HIS A 494 -1.10 -25.15 10.20
CA HIS A 494 -2.31 -25.66 10.87
C HIS A 494 -3.44 -26.00 9.87
N MET A 495 -3.26 -25.63 8.61
CA MET A 495 -4.22 -26.06 7.60
C MET A 495 -3.56 -26.83 6.47
N GLY A 496 -2.27 -27.15 6.63
CA GLY A 496 -1.57 -28.00 5.64
C GLY A 496 -1.35 -27.34 4.29
N GLY A 497 -1.38 -26.02 4.27
CA GLY A 497 -1.37 -25.29 3.00
C GLY A 497 -0.01 -24.96 2.40
N VAL A 498 -0.08 -24.57 1.13
CA VAL A 498 1.06 -24.04 0.36
C VAL A 498 0.77 -22.55 0.09
N LEU A 499 1.74 -21.70 0.34
CA LEU A 499 1.61 -20.27 0.06
C LEU A 499 2.34 -19.95 -1.24
N ALA A 500 1.76 -19.10 -2.08
CA ALA A 500 2.41 -18.67 -3.31
C ALA A 500 2.14 -17.20 -3.55
N VAL A 501 3.16 -16.49 -4.03
CA VAL A 501 3.05 -15.07 -4.35
C VAL A 501 3.58 -14.91 -5.77
N ALA A 502 2.73 -14.48 -6.71
CA ALA A 502 3.13 -14.34 -8.13
C ALA A 502 3.45 -12.89 -8.47
N ASN A 503 4.66 -12.63 -8.95
CA ASN A 503 5.11 -11.27 -9.26
C ASN A 503 4.73 -10.84 -10.68
N ILE A 504 3.41 -10.74 -10.87
CA ILE A 504 2.84 -10.48 -12.19
C ILE A 504 3.15 -9.08 -12.69
N ARG A 505 2.97 -8.87 -13.99
CA ARG A 505 3.23 -7.54 -14.59
C ARG A 505 2.28 -6.49 -14.04
N GLY A 506 2.68 -5.23 -14.23
CA GLY A 506 2.00 -4.12 -13.54
C GLY A 506 2.75 -3.67 -12.30
N GLY A 507 3.40 -4.64 -11.64
CA GLY A 507 4.27 -4.33 -10.49
C GLY A 507 5.57 -3.64 -10.91
N GLY A 508 6.37 -3.33 -9.88
CA GLY A 508 7.66 -2.70 -10.10
C GLY A 508 8.85 -3.64 -10.12
N GLU A 509 8.61 -4.95 -10.13
CA GLU A 509 9.70 -5.89 -9.87
C GLU A 509 10.81 -5.83 -10.90
N TYR A 510 10.49 -5.57 -12.16
CA TYR A 510 11.52 -5.37 -13.18
C TYR A 510 11.39 -3.97 -13.78
N GLY A 511 11.14 -3.01 -12.89
CA GLY A 511 11.22 -1.59 -13.26
C GLY A 511 10.03 -1.12 -14.05
N GLU A 512 10.19 0.03 -14.69
CA GLU A 512 9.07 0.67 -15.36
C GLU A 512 8.55 -0.16 -16.56
N THR A 513 9.41 -0.95 -17.19
CA THR A 513 8.92 -1.83 -18.27
C THR A 513 7.98 -2.91 -17.70
N TRP A 514 8.26 -3.43 -16.50
CA TRP A 514 7.35 -4.38 -15.85
C TRP A 514 6.02 -3.72 -15.53
N HIS A 515 6.09 -2.48 -15.03
CA HIS A 515 4.88 -1.72 -14.72
C HIS A 515 4.05 -1.53 -16.00
N LYS A 516 4.67 -1.02 -17.07
CA LYS A 516 3.93 -0.72 -18.30
C LYS A 516 3.37 -1.99 -18.95
N GLY A 517 3.95 -3.13 -18.64
CA GLY A 517 3.43 -4.41 -19.12
C GLY A 517 2.11 -4.82 -18.49
N GLY A 518 1.62 -4.07 -17.50
CA GLY A 518 0.36 -4.42 -16.84
C GLY A 518 -0.57 -3.25 -16.67
N ILE A 519 -0.52 -2.30 -17.60
CA ILE A 519 -1.41 -1.14 -17.55
C ILE A 519 -2.10 -0.91 -18.88
N LEU A 520 -3.14 -0.09 -18.83
CA LEU A 520 -3.80 0.49 -20.00
C LEU A 520 -4.28 -0.64 -20.95
N ALA A 521 -3.85 -0.64 -22.22
CA ALA A 521 -4.34 -1.65 -23.16
C ALA A 521 -3.86 -3.04 -22.75
N ASN A 522 -2.80 -3.08 -21.95
CA ASN A 522 -2.15 -4.33 -21.54
C ASN A 522 -2.53 -4.82 -20.15
N LYS A 523 -3.58 -4.22 -19.57
CA LYS A 523 -4.02 -4.71 -18.25
C LYS A 523 -4.34 -6.21 -18.24
N GLN A 524 -4.85 -6.75 -19.34
CA GLN A 524 -5.18 -8.17 -19.38
C GLN A 524 -3.95 -9.04 -19.13
N ASN A 525 -2.73 -8.53 -19.39
CA ASN A 525 -1.53 -9.31 -19.04
C ASN A 525 -1.52 -9.68 -17.56
N CYS A 526 -2.01 -8.78 -16.70
CA CYS A 526 -2.02 -9.08 -15.24
C CYS A 526 -2.83 -10.35 -14.97
N PHE A 527 -4.01 -10.41 -15.58
CA PHE A 527 -4.96 -11.49 -15.32
C PHE A 527 -4.42 -12.77 -15.95
N ASP A 528 -3.85 -12.66 -17.16
CA ASP A 528 -3.23 -13.82 -17.81
C ASP A 528 -2.09 -14.35 -16.96
N ASP A 529 -1.23 -13.44 -16.50
CA ASP A 529 -0.11 -13.83 -15.64
C ASP A 529 -0.60 -14.60 -14.40
N PHE A 530 -1.63 -14.07 -13.74
CA PHE A 530 -2.08 -14.69 -12.50
C PHE A 530 -2.77 -16.05 -12.73
N GLN A 531 -3.57 -16.14 -13.79
CA GLN A 531 -4.21 -17.42 -14.18
C GLN A 531 -3.12 -18.46 -14.50
N CYS A 532 -2.04 -18.03 -15.17
CA CYS A 532 -0.93 -18.94 -15.45
C CYS A 532 -0.17 -19.37 -14.20
N ALA A 533 -0.10 -18.50 -13.19
CA ALA A 533 0.47 -18.93 -11.91
C ALA A 533 -0.34 -20.08 -11.31
N ALA A 534 -1.67 -19.94 -11.31
CA ALA A 534 -2.56 -20.96 -10.80
C ALA A 534 -2.37 -22.26 -11.61
N GLU A 535 -2.32 -22.15 -12.94
CA GLU A 535 -2.06 -23.33 -13.79
C GLU A 535 -0.73 -24.00 -13.46
N TYR A 536 0.31 -23.22 -13.16
CA TYR A 536 1.59 -23.79 -12.78
C TYR A 536 1.47 -24.60 -11.50
N LEU A 537 0.88 -23.99 -10.48
CA LEU A 537 0.73 -24.67 -9.18
C LEU A 537 -0.02 -25.99 -9.35
N ILE A 538 -1.03 -26.03 -10.23
CA ILE A 538 -1.82 -27.23 -10.45
C ILE A 538 -1.02 -28.27 -11.27
N LYS A 539 -0.42 -27.84 -12.37
CA LYS A 539 0.32 -28.74 -13.26
C LYS A 539 1.47 -29.38 -12.50
N GLU A 540 2.14 -28.60 -11.68
CA GLU A 540 3.31 -29.06 -10.94
C GLU A 540 2.95 -29.83 -9.68
N GLY A 541 1.66 -29.93 -9.35
CA GLY A 541 1.22 -30.82 -8.27
C GLY A 541 1.25 -30.22 -6.88
N TYR A 542 1.44 -28.90 -6.77
CA TYR A 542 1.26 -28.27 -5.46
C TYR A 542 -0.18 -28.34 -4.95
N THR A 543 -1.15 -28.28 -5.87
CA THR A 543 -2.56 -28.12 -5.49
C THR A 543 -3.47 -28.59 -6.62
N SER A 544 -4.77 -28.41 -6.46
CA SER A 544 -5.75 -28.70 -7.49
C SER A 544 -6.80 -27.58 -7.45
N PRO A 545 -7.52 -27.34 -8.56
CA PRO A 545 -8.49 -26.22 -8.57
C PRO A 545 -9.41 -26.18 -7.36
N LYS A 546 -9.95 -27.33 -6.95
CA LYS A 546 -10.93 -27.34 -5.86
C LYS A 546 -10.31 -26.98 -4.51
N ARG A 547 -8.98 -26.97 -4.42
CA ARG A 547 -8.27 -26.71 -3.18
C ARG A 547 -7.53 -25.37 -3.24
N LEU A 548 -7.71 -24.61 -4.31
CA LEU A 548 -6.95 -23.37 -4.52
C LEU A 548 -7.78 -22.16 -4.13
N THR A 549 -7.18 -21.31 -3.27
CA THR A 549 -7.73 -20.00 -2.92
C THR A 549 -6.84 -18.91 -3.55
N ILE A 550 -7.47 -17.92 -4.16
CA ILE A 550 -6.73 -16.72 -4.56
C ILE A 550 -7.14 -15.52 -3.71
N ASN A 551 -6.19 -14.62 -3.48
CA ASN A 551 -6.45 -13.43 -2.65
C ASN A 551 -5.70 -12.25 -3.21
N GLY A 552 -6.30 -11.08 -3.05
CA GLY A 552 -5.63 -9.81 -3.38
C GLY A 552 -6.40 -8.68 -2.74
N GLY A 553 -5.75 -7.52 -2.57
CA GLY A 553 -6.40 -6.33 -1.98
C GLY A 553 -6.25 -5.14 -2.88
N SER A 554 -7.29 -4.31 -2.94
CA SER A 554 -7.26 -3.05 -3.69
C SER A 554 -7.17 -3.34 -5.20
N ASN A 555 -6.10 -2.93 -5.86
CA ASN A 555 -5.86 -3.39 -7.24
C ASN A 555 -5.73 -4.93 -7.31
N GLY A 556 -5.30 -5.57 -6.20
CA GLY A 556 -5.34 -7.03 -6.08
C GLY A 556 -6.75 -7.60 -5.90
N GLY A 557 -7.67 -6.78 -5.40
CA GLY A 557 -9.09 -7.20 -5.29
C GLY A 557 -9.69 -7.23 -6.68
N LEU A 558 -9.38 -6.22 -7.51
CA LEU A 558 -9.71 -6.26 -8.95
C LEU A 558 -9.12 -7.52 -9.60
N LEU A 559 -7.86 -7.81 -9.32
CA LEU A 559 -7.19 -8.98 -9.93
C LEU A 559 -8.01 -10.24 -9.68
N VAL A 560 -8.33 -10.55 -8.42
CA VAL A 560 -8.97 -11.84 -8.14
C VAL A 560 -10.41 -11.88 -8.58
N ALA A 561 -11.10 -10.75 -8.55
CA ALA A 561 -12.48 -10.68 -9.00
C ALA A 561 -12.56 -10.91 -10.50
N THR A 562 -11.65 -10.30 -11.26
CA THR A 562 -11.64 -10.53 -12.73
C THR A 562 -11.29 -11.99 -13.00
N CYS A 563 -10.33 -12.52 -12.26
CA CYS A 563 -9.97 -13.94 -12.48
C CYS A 563 -11.13 -14.89 -12.18
N ALA A 564 -11.97 -14.58 -11.19
CA ALA A 564 -13.15 -15.44 -10.89
C ALA A 564 -14.10 -15.43 -12.10
N ASN A 565 -14.29 -14.26 -12.71
CA ASN A 565 -15.16 -14.16 -13.90
C ASN A 565 -14.56 -14.87 -15.09
N GLN A 566 -13.25 -14.75 -15.30
CA GLN A 566 -12.64 -15.27 -16.54
C GLN A 566 -12.36 -16.76 -16.47
N ARG A 567 -11.96 -17.26 -15.29
CA ARG A 567 -11.61 -18.68 -15.15
C ARG A 567 -12.20 -19.25 -13.85
N PRO A 568 -13.54 -19.29 -13.77
CA PRO A 568 -14.15 -19.77 -12.54
C PRO A 568 -13.77 -21.22 -12.27
N ASP A 569 -13.45 -21.98 -13.33
CA ASP A 569 -13.03 -23.38 -13.22
C ASP A 569 -11.68 -23.60 -12.55
N LEU A 570 -10.89 -22.53 -12.39
CA LEU A 570 -9.54 -22.64 -11.91
C LEU A 570 -9.39 -22.54 -10.38
N PHE A 571 -10.43 -22.02 -9.72
CA PHE A 571 -10.33 -21.62 -8.31
C PHE A 571 -11.44 -22.24 -7.49
N GLY A 572 -11.10 -22.64 -6.28
CA GLY A 572 -12.12 -23.07 -5.32
C GLY A 572 -12.70 -21.92 -4.51
N CYS A 573 -11.86 -20.93 -4.21
CA CYS A 573 -12.22 -19.88 -3.26
C CYS A 573 -11.51 -18.60 -3.66
N VAL A 574 -12.19 -17.46 -3.52
CA VAL A 574 -11.64 -16.15 -3.92
C VAL A 574 -11.94 -15.21 -2.77
N ILE A 575 -10.92 -14.53 -2.24
CA ILE A 575 -11.15 -13.50 -1.22
C ILE A 575 -10.63 -12.18 -1.79
N ALA A 576 -11.55 -11.27 -2.06
CA ALA A 576 -11.16 -9.96 -2.60
C ALA A 576 -11.33 -8.89 -1.55
N GLN A 577 -10.22 -8.30 -1.13
CA GLN A 577 -10.25 -7.26 -0.11
C GLN A 577 -10.25 -5.89 -0.75
N VAL A 578 -11.17 -5.04 -0.28
CA VAL A 578 -11.21 -3.62 -0.68
C VAL A 578 -10.92 -3.37 -2.17
N GLY A 579 -11.62 -4.11 -3.00
CA GLY A 579 -11.31 -4.15 -4.44
C GLY A 579 -12.02 -3.11 -5.27
N VAL A 580 -11.37 -2.64 -6.32
CA VAL A 580 -12.02 -1.74 -7.29
C VAL A 580 -12.75 -2.64 -8.29
N MET A 581 -14.06 -2.52 -8.35
CA MET A 581 -14.91 -3.44 -9.15
C MET A 581 -15.67 -2.79 -10.26
N ASP A 582 -16.05 -1.51 -10.10
CA ASP A 582 -16.71 -0.79 -11.20
C ASP A 582 -15.65 0.01 -11.95
N MET A 583 -15.10 -0.60 -13.01
CA MET A 583 -14.05 0.06 -13.77
C MET A 583 -14.53 1.18 -14.66
N LEU A 584 -15.86 1.30 -14.81
CA LEU A 584 -16.42 2.39 -15.58
C LEU A 584 -16.62 3.66 -14.78
N LYS A 585 -16.75 3.55 -13.46
CA LYS A 585 -17.08 4.70 -12.63
C LYS A 585 -16.01 5.00 -11.57
N PHE A 586 -14.93 4.22 -11.47
CA PHE A 586 -13.99 4.41 -10.32
C PHE A 586 -13.43 5.83 -10.22
N HIS A 587 -13.30 6.52 -11.35
CA HIS A 587 -12.66 7.83 -11.38
C HIS A 587 -13.55 8.90 -10.78
N LYS A 588 -14.82 8.60 -10.56
CA LYS A 588 -15.78 9.62 -10.06
C LYS A 588 -15.64 9.93 -8.56
N TYR A 589 -15.01 9.06 -7.78
CA TYR A 589 -15.09 9.09 -6.31
C TYR A 589 -13.73 9.35 -5.68
N THR A 590 -13.75 10.09 -4.58
CA THR A 590 -12.56 10.41 -3.74
C THR A 590 -11.30 10.62 -4.59
N ILE A 591 -10.31 9.74 -4.46
CA ILE A 591 -9.04 9.89 -5.15
C ILE A 591 -8.95 8.98 -6.39
N GLY A 592 -10.07 8.36 -6.76
CA GLY A 592 -10.07 7.44 -7.90
C GLY A 592 -9.56 8.05 -9.21
N HIS A 593 -9.70 9.37 -9.36
CA HIS A 593 -9.19 10.01 -10.57
C HIS A 593 -7.72 9.75 -10.79
N ALA A 594 -6.97 9.50 -9.71
CA ALA A 594 -5.53 9.32 -9.81
C ALA A 594 -5.16 7.99 -10.45
N TRP A 595 -6.09 7.03 -10.47
CA TRP A 595 -5.73 5.69 -10.93
C TRP A 595 -5.81 5.52 -12.43
N THR A 596 -6.24 6.55 -13.13
CA THR A 596 -6.37 6.49 -14.60
C THR A 596 -5.03 6.28 -15.31
N THR A 597 -3.93 6.57 -14.62
CA THR A 597 -2.60 6.31 -15.20
C THR A 597 -2.30 4.83 -15.37
N ASP A 598 -2.90 3.98 -14.55
CA ASP A 598 -2.79 2.53 -14.75
C ASP A 598 -3.95 1.98 -15.58
N TYR A 599 -5.17 2.47 -15.35
CA TYR A 599 -6.34 1.82 -15.94
C TYR A 599 -6.89 2.44 -17.22
N GLY A 600 -6.65 3.73 -17.44
CA GLY A 600 -7.41 4.48 -18.41
C GLY A 600 -8.66 5.03 -17.75
N CYS A 601 -9.51 5.67 -18.56
CA CYS A 601 -10.75 6.25 -18.05
C CYS A 601 -11.86 6.08 -19.08
N SER A 602 -13.06 5.71 -18.63
CA SER A 602 -14.17 5.34 -19.52
C SER A 602 -14.70 6.50 -20.36
N ASP A 603 -14.28 7.75 -20.05
CA ASP A 603 -14.61 8.93 -20.88
C ASP A 603 -13.97 8.84 -22.26
N SER A 604 -12.91 8.04 -22.43
CA SER A 604 -12.32 7.78 -23.74
C SER A 604 -12.91 6.55 -24.38
N LYS A 605 -13.32 6.63 -25.66
CA LYS A 605 -13.80 5.44 -26.34
C LYS A 605 -12.75 4.32 -26.38
N GLN A 606 -11.49 4.69 -26.64
CA GLN A 606 -10.44 3.67 -26.67
C GLN A 606 -10.31 2.96 -25.32
N HIS A 607 -10.26 3.76 -24.26
CA HIS A 607 -10.09 3.15 -22.91
C HIS A 607 -11.31 2.34 -22.51
N PHE A 608 -12.51 2.83 -22.83
CA PHE A 608 -13.73 2.09 -22.53
C PHE A 608 -13.67 0.69 -23.10
N GLU A 609 -13.15 0.57 -24.32
CA GLU A 609 -13.10 -0.73 -24.97
C GLU A 609 -12.17 -1.72 -24.27
N TRP A 610 -11.12 -1.21 -23.64
CA TRP A 610 -10.30 -2.04 -22.76
C TRP A 610 -11.03 -2.43 -21.47
N LEU A 611 -11.55 -1.39 -20.80
CA LEU A 611 -12.14 -1.55 -19.48
C LEU A 611 -13.33 -2.49 -19.45
N ILE A 612 -14.20 -2.37 -20.46
CA ILE A 612 -15.44 -3.13 -20.46
C ILE A 612 -15.17 -4.63 -20.50
N LYS A 613 -14.01 -5.01 -21.04
CA LYS A 613 -13.70 -6.42 -21.23
C LYS A 613 -13.35 -7.14 -19.93
N TYR A 614 -12.90 -6.38 -18.92
CA TYR A 614 -12.45 -7.00 -17.69
C TYR A 614 -13.08 -6.45 -16.42
N SER A 615 -13.79 -5.32 -16.51
CA SER A 615 -14.41 -4.74 -15.34
C SER A 615 -15.21 -5.79 -14.57
N PRO A 616 -14.86 -6.08 -13.29
CA PRO A 616 -15.59 -7.16 -12.62
C PRO A 616 -17.12 -6.98 -12.60
N LEU A 617 -17.58 -5.75 -12.37
CA LEU A 617 -19.00 -5.49 -12.26
C LEU A 617 -19.77 -5.83 -13.57
N HIS A 618 -19.08 -5.78 -14.69
CA HIS A 618 -19.67 -5.86 -16.02
C HIS A 618 -19.41 -7.19 -16.70
N ASN A 619 -18.79 -8.12 -15.98
CA ASN A 619 -18.46 -9.44 -16.59
C ASN A 619 -18.88 -10.65 -15.76
N VAL A 620 -19.89 -10.43 -14.91
CA VAL A 620 -20.51 -11.54 -14.18
C VAL A 620 -21.39 -12.33 -15.17
N LYS A 621 -21.08 -13.61 -15.35
CA LYS A 621 -21.80 -14.44 -16.33
C LYS A 621 -21.78 -15.87 -15.86
N LEU A 622 -22.94 -16.50 -15.88
CA LEU A 622 -23.05 -17.93 -15.60
C LEU A 622 -22.13 -18.73 -16.49
N PRO A 623 -21.34 -19.63 -15.90
CA PRO A 623 -20.50 -20.41 -16.79
C PRO A 623 -21.37 -21.26 -17.71
N GLU A 624 -20.96 -21.36 -18.96
CA GLU A 624 -21.72 -22.10 -19.96
C GLU A 624 -21.83 -23.60 -19.66
N ALA A 625 -20.72 -24.21 -19.20
CA ALA A 625 -20.68 -25.65 -18.92
C ALA A 625 -21.49 -26.04 -17.69
N ASP A 626 -22.28 -27.11 -17.80
CA ASP A 626 -23.14 -27.56 -16.70
C ASP A 626 -22.36 -27.90 -15.43
N ASP A 627 -21.14 -28.39 -15.60
CA ASP A 627 -20.34 -28.83 -14.47
C ASP A 627 -19.53 -27.71 -13.79
N ILE A 628 -19.65 -26.49 -14.30
CA ILE A 628 -18.84 -25.35 -13.78
C ILE A 628 -19.74 -24.33 -13.13
N GLN A 629 -19.40 -24.00 -11.88
CA GLN A 629 -20.07 -22.92 -11.15
C GLN A 629 -19.01 -21.88 -10.77
N TYR A 630 -19.43 -20.79 -10.15
CA TYR A 630 -18.43 -19.83 -9.62
C TYR A 630 -17.77 -20.41 -8.36
N PRO A 631 -16.49 -20.01 -8.11
CA PRO A 631 -15.86 -20.33 -6.84
C PRO A 631 -16.63 -19.69 -5.68
N SER A 632 -16.41 -20.20 -4.47
CA SER A 632 -16.85 -19.50 -3.27
C SER A 632 -16.17 -18.17 -3.25
N MET A 633 -16.92 -17.11 -2.97
CA MET A 633 -16.33 -15.75 -2.99
C MET A 633 -16.66 -14.97 -1.74
N LEU A 634 -15.65 -14.33 -1.16
CA LEU A 634 -15.85 -13.41 -0.03
C LEU A 634 -15.24 -12.07 -0.38
N LEU A 635 -16.09 -11.03 -0.32
CA LEU A 635 -15.62 -9.64 -0.48
C LEU A 635 -15.54 -9.00 0.89
N LEU A 636 -14.40 -8.36 1.19
CA LEU A 636 -14.23 -7.64 2.47
C LEU A 636 -14.07 -6.18 2.18
N THR A 637 -14.88 -5.35 2.81
CA THR A 637 -14.70 -3.90 2.73
C THR A 637 -15.11 -3.29 4.07
N ALA A 638 -15.11 -1.97 4.16
CA ALA A 638 -15.43 -1.31 5.44
C ALA A 638 -16.03 0.05 5.13
N ASP A 639 -16.83 0.55 6.06
CA ASP A 639 -17.64 1.72 5.81
C ASP A 639 -16.89 3.06 5.78
N HIS A 640 -15.63 3.07 6.21
CA HIS A 640 -14.81 4.27 6.04
C HIS A 640 -13.65 4.01 5.07
N ASP A 641 -13.80 3.05 4.15
CA ASP A 641 -12.80 2.94 3.10
C ASP A 641 -13.05 4.02 2.05
N ASP A 642 -12.44 5.19 2.28
CA ASP A 642 -12.52 6.29 1.35
C ASP A 642 -11.41 6.25 0.29
N ARG A 643 -10.54 5.24 0.35
CA ARG A 643 -9.61 5.01 -0.75
C ARG A 643 -10.34 4.33 -1.93
N VAL A 644 -10.95 3.18 -1.65
CA VAL A 644 -11.81 2.48 -2.63
C VAL A 644 -13.20 2.47 -2.00
N VAL A 645 -14.05 3.39 -2.44
CA VAL A 645 -15.34 3.53 -1.81
C VAL A 645 -16.09 2.20 -1.86
N PRO A 646 -16.79 1.86 -0.75
CA PRO A 646 -17.29 0.50 -0.64
C PRO A 646 -18.42 0.15 -1.63
N LEU A 647 -19.01 1.16 -2.28
CA LEU A 647 -19.98 0.90 -3.35
C LEU A 647 -19.42 -0.07 -4.38
N HIS A 648 -18.08 -0.13 -4.58
CA HIS A 648 -17.54 -1.07 -5.54
C HIS A 648 -17.93 -2.50 -5.15
N SER A 649 -17.64 -2.87 -3.90
CA SER A 649 -18.00 -4.20 -3.44
C SER A 649 -19.52 -4.38 -3.28
N LEU A 650 -20.25 -3.33 -2.87
CA LEU A 650 -21.71 -3.50 -2.74
C LEU A 650 -22.35 -3.84 -4.09
N LYS A 651 -22.01 -3.10 -5.13
CA LYS A 651 -22.64 -3.35 -6.44
C LYS A 651 -22.20 -4.69 -6.99
N PHE A 652 -20.93 -5.04 -6.78
CA PHE A 652 -20.45 -6.31 -7.29
C PHE A 652 -21.15 -7.50 -6.60
N ILE A 653 -21.29 -7.50 -5.26
CA ILE A 653 -21.97 -8.62 -4.61
C ILE A 653 -23.44 -8.70 -4.98
N ALA A 654 -24.11 -7.56 -5.18
CA ALA A 654 -25.51 -7.62 -5.60
C ALA A 654 -25.62 -8.33 -6.94
N THR A 655 -24.66 -8.02 -7.83
CA THR A 655 -24.66 -8.57 -9.17
C THR A 655 -24.34 -10.07 -9.12
N LEU A 656 -23.31 -10.44 -8.34
CA LEU A 656 -22.97 -11.85 -8.20
C LEU A 656 -24.17 -12.65 -7.70
N GLN A 657 -24.83 -12.13 -6.66
CA GLN A 657 -25.94 -12.89 -6.04
C GLN A 657 -27.12 -13.02 -7.00
N TYR A 658 -27.35 -11.99 -7.83
CA TYR A 658 -28.50 -12.03 -8.72
C TYR A 658 -28.24 -12.91 -9.94
N ILE A 659 -27.13 -12.69 -10.63
CA ILE A 659 -26.83 -13.40 -11.86
C ILE A 659 -26.40 -14.86 -11.61
N VAL A 660 -25.54 -15.05 -10.62
CA VAL A 660 -24.94 -16.37 -10.34
C VAL A 660 -25.60 -17.05 -9.12
N GLY A 661 -25.81 -16.32 -8.02
CA GLY A 661 -26.36 -16.92 -6.81
C GLY A 661 -27.76 -17.51 -7.01
N ARG A 662 -28.56 -16.95 -7.89
CA ARG A 662 -29.92 -17.48 -8.16
C ARG A 662 -29.93 -18.78 -8.95
N SER A 663 -28.82 -19.12 -9.58
CA SER A 663 -28.80 -20.28 -10.48
C SER A 663 -28.79 -21.57 -9.67
N ARG A 664 -29.51 -22.58 -10.15
CA ARG A 664 -29.64 -23.79 -9.37
C ARG A 664 -28.31 -24.50 -9.18
N LYS A 665 -27.43 -24.37 -10.17
CA LYS A 665 -26.14 -25.07 -10.12
C LYS A 665 -25.16 -24.41 -9.15
N GLN A 666 -25.46 -23.18 -8.71
CA GLN A 666 -24.53 -22.49 -7.80
C GLN A 666 -24.79 -22.90 -6.35
N ASN A 667 -23.84 -23.64 -5.79
CA ASN A 667 -23.88 -24.00 -4.38
C ASN A 667 -22.77 -23.39 -3.54
N ASN A 668 -21.74 -22.84 -4.19
CA ASN A 668 -20.69 -22.11 -3.45
C ASN A 668 -21.22 -20.73 -3.05
N PRO A 669 -20.98 -20.31 -1.81
CA PRO A 669 -21.51 -19.00 -1.34
C PRO A 669 -20.79 -17.81 -1.98
N LEU A 670 -21.54 -16.71 -2.09
CA LEU A 670 -21.04 -15.45 -2.65
C LEU A 670 -21.43 -14.39 -1.62
N LEU A 671 -20.46 -13.98 -0.78
CA LEU A 671 -20.74 -13.19 0.43
C LEU A 671 -19.92 -11.91 0.51
N ILE A 672 -20.45 -10.91 1.24
CA ILE A 672 -19.71 -9.70 1.59
C ILE A 672 -19.71 -9.50 3.09
N HIS A 673 -18.63 -8.96 3.64
CA HIS A 673 -18.64 -8.45 5.00
C HIS A 673 -18.18 -7.01 4.95
N VAL A 674 -19.00 -6.12 5.50
CA VAL A 674 -18.67 -4.70 5.60
C VAL A 674 -18.40 -4.38 7.07
N ASP A 675 -17.14 -4.10 7.38
CA ASP A 675 -16.76 -3.71 8.75
C ASP A 675 -17.10 -2.27 9.08
N THR A 676 -17.18 -1.98 10.38
CA THR A 676 -17.40 -0.60 10.85
C THR A 676 -16.13 -0.05 11.44
N LYS A 677 -16.02 1.27 11.49
CA LYS A 677 -14.86 1.94 12.11
C LYS A 677 -13.55 1.50 11.51
N ALA A 678 -13.57 1.22 10.23
CA ALA A 678 -12.37 0.79 9.50
C ALA A 678 -12.46 1.29 8.08
N GLY A 679 -11.29 1.29 7.43
CA GLY A 679 -11.15 1.83 6.08
C GLY A 679 -10.34 0.90 5.19
N HIS A 680 -9.51 1.52 4.36
CA HIS A 680 -8.80 0.71 3.36
C HIS A 680 -7.81 -0.31 3.92
N GLY A 681 -7.25 0.00 5.08
CA GLY A 681 -6.39 -0.93 5.83
C GLY A 681 -5.28 -0.29 6.64
N ALA A 682 -4.72 0.82 6.19
CA ALA A 682 -3.64 1.47 6.94
C ALA A 682 -4.19 1.87 8.30
N GLY A 683 -3.41 1.59 9.33
CA GLY A 683 -3.79 2.02 10.67
C GLY A 683 -4.81 1.09 11.34
N LYS A 684 -5.23 0.03 10.68
CA LYS A 684 -6.20 -0.88 11.29
C LYS A 684 -5.63 -1.46 12.60
N PRO A 685 -6.42 -1.40 13.69
CA PRO A 685 -5.91 -1.95 14.97
C PRO A 685 -5.72 -3.44 14.96
N THR A 686 -4.76 -3.89 15.75
CA THR A 686 -4.49 -5.33 15.92
C THR A 686 -5.76 -6.16 16.11
N ALA A 687 -6.70 -5.70 16.95
CA ALA A 687 -7.87 -6.53 17.21
C ALA A 687 -8.64 -6.79 15.91
N LYS A 688 -8.78 -5.77 15.07
CA LYS A 688 -9.48 -5.91 13.80
C LYS A 688 -8.70 -6.77 12.80
N VAL A 689 -7.40 -6.63 12.80
CA VAL A 689 -6.57 -7.46 11.94
C VAL A 689 -6.81 -8.94 12.28
N ILE A 690 -6.81 -9.29 13.57
CA ILE A 690 -7.01 -10.67 14.01
C ILE A 690 -8.38 -11.17 13.57
N GLU A 691 -9.43 -10.36 13.74
CA GLU A 691 -10.75 -10.79 13.32
C GLU A 691 -10.80 -11.02 11.80
N GLU A 692 -10.16 -10.13 11.04
CA GLU A 692 -10.17 -10.21 9.58
C GLU A 692 -9.50 -11.48 9.08
N VAL A 693 -8.31 -11.79 9.57
CA VAL A 693 -7.65 -13.01 9.11
C VAL A 693 -8.39 -14.28 9.58
N SER A 694 -9.02 -14.19 10.75
CA SER A 694 -9.79 -15.34 11.26
C SER A 694 -10.99 -15.55 10.33
N ASP A 695 -11.64 -14.47 9.91
CA ASP A 695 -12.73 -14.56 8.89
C ASP A 695 -12.24 -15.20 7.59
N MET A 696 -11.08 -14.77 7.10
CA MET A 696 -10.58 -15.23 5.79
C MET A 696 -10.34 -16.71 5.84
N PHE A 697 -9.61 -17.13 6.86
CA PHE A 697 -9.23 -18.55 6.92
C PHE A 697 -10.37 -19.47 7.36
N ALA A 698 -11.35 -18.94 8.11
CA ALA A 698 -12.57 -19.70 8.39
C ALA A 698 -13.38 -19.91 7.11
N PHE A 699 -13.44 -18.89 6.26
CA PHE A 699 -14.18 -19.01 5.01
C PHE A 699 -13.52 -20.10 4.15
N ILE A 700 -12.19 -20.02 4.01
CA ILE A 700 -11.44 -21.04 3.24
C ILE A 700 -11.72 -22.44 3.80
N ALA A 701 -11.58 -22.57 5.11
CA ALA A 701 -11.74 -23.89 5.77
C ALA A 701 -13.11 -24.46 5.54
N ARG A 702 -14.13 -23.62 5.68
CA ARG A 702 -15.51 -24.10 5.53
C ARG A 702 -15.83 -24.45 4.09
N CYS A 703 -15.45 -23.56 3.16
CA CYS A 703 -15.79 -23.78 1.76
C CYS A 703 -15.06 -24.96 1.14
N LEU A 704 -13.82 -25.18 1.56
CA LEU A 704 -13.00 -26.26 1.01
C LEU A 704 -12.98 -27.51 1.92
N ASN A 705 -13.69 -27.44 3.06
CA ASN A 705 -13.73 -28.53 4.05
C ASN A 705 -12.33 -29.02 4.45
N ILE A 706 -11.55 -28.08 4.95
CA ILE A 706 -10.21 -28.38 5.41
C ILE A 706 -10.22 -28.59 6.93
N ASP A 707 -9.63 -29.69 7.38
CA ASP A 707 -9.49 -29.98 8.81
C ASP A 707 -8.35 -29.18 9.41
N TRP A 708 -8.55 -28.72 10.65
CA TRP A 708 -7.44 -28.15 11.43
C TRP A 708 -6.42 -29.22 11.78
N ILE A 709 -5.14 -28.87 11.72
CA ILE A 709 -4.04 -29.73 12.13
C ILE A 709 -3.43 -29.09 13.39
N PRO A 710 -3.70 -29.67 14.60
CA PRO A 710 -3.25 -29.01 15.84
C PRO A 710 -1.74 -28.89 15.96
C1 PHQ B 1 -3.33 5.96 -4.25
O1 PHQ B 1 -4.38 6.24 -4.81
O2 PHQ B 1 -2.74 6.91 -3.35
C2 PHQ B 1 -3.36 8.20 -3.18
C3 PHQ B 1 -2.52 9.17 -3.97
C4 PHQ B 1 -1.57 9.95 -3.30
C5 PHQ B 1 -0.80 10.85 -4.02
C6 PHQ B 1 -0.99 10.96 -5.40
C7 PHQ B 1 -1.95 10.21 -6.07
C8 PHQ B 1 -2.72 9.30 -5.34
N PRO B 2 -2.64 4.81 -4.35
CA PRO B 2 -3.11 3.74 -5.21
C PRO B 2 -4.27 3.03 -4.53
C YCP B 3 -5.45 -0.01 -4.06
N YCP B 3 -4.91 2.10 -5.22
O YCP B 3 -4.69 -0.66 -5.07
CA YCP B 3 -6.01 1.36 -4.53
CB YCP B 3 -7.22 1.14 -5.49
CD YCP B 3 -5.81 1.51 -7.49
CE YCP B 3 -4.56 1.67 -6.62
CG YCP B 3 -6.84 0.58 -6.86
C TAM C . 0.16 -9.53 -25.23
C1 TAM C . 1.02 -10.14 -26.34
C2 TAM C . -0.34 -8.16 -25.66
C3 TAM C . -1.04 -10.40 -24.94
C4 TAM C . 2.27 -9.30 -26.47
C5 TAM C . -1.11 -7.60 -24.47
C6 TAM C . -0.53 -11.75 -24.47
N TAM C . 0.99 -9.46 -24.01
O4 TAM C . 3.31 -9.72 -25.59
O5 TAM C . -0.19 -7.16 -23.52
O6 TAM C . -1.40 -12.78 -24.94
C1 GOL D . 23.54 12.36 -21.03
O1 GOL D . 24.47 11.41 -20.54
C2 GOL D . 22.39 12.31 -20.04
O2 GOL D . 22.92 12.35 -18.73
C3 GOL D . 21.50 13.53 -20.20
O3 GOL D . 21.04 13.79 -18.89
C1 GOL E . 2.91 28.89 -10.34
O1 GOL E . 2.54 28.75 -11.70
C2 GOL E . 1.66 28.67 -9.47
O2 GOL E . 1.17 27.34 -9.66
C3 GOL E . 2.09 28.86 -8.01
O3 GOL E . 0.97 28.73 -7.15
C1 GOL F . -3.11 -3.25 -0.94
O1 GOL F . -3.31 -4.62 -1.24
C2 GOL F . -4.28 -2.66 -0.17
O2 GOL F . -5.25 -3.67 0.05
C3 GOL F . -3.79 -2.07 1.16
O3 GOL F . -4.83 -2.04 2.12
C1 GOL G . -15.83 -24.65 -11.02
O1 GOL G . -17.04 -25.35 -10.74
C2 GOL G . -15.06 -24.54 -9.71
O2 GOL G . -13.72 -24.21 -10.00
C3 GOL G . -15.64 -23.44 -8.81
O3 GOL G . -14.97 -23.44 -7.56
C1 GOL H . 12.35 12.88 -1.55
O1 GOL H . 11.32 11.93 -1.94
C2 GOL H . 13.28 12.15 -0.60
O2 GOL H . 14.14 11.33 -1.36
C3 GOL H . 14.02 13.04 0.42
O3 GOL H . 14.57 12.36 1.53
C1 GOL I . 14.89 6.65 3.22
O1 GOL I . 15.16 7.68 4.16
C2 GOL I . 14.35 7.34 1.98
O2 GOL I . 15.45 7.82 1.23
C3 GOL I . 13.50 6.38 1.17
O3 GOL I . 13.16 6.99 -0.05
C1 GOL J . -31.74 -2.49 0.22
O1 GOL J . -32.48 -1.95 1.23
C2 GOL J . -32.02 -3.99 0.06
O2 GOL J . -31.35 -4.39 -1.07
C3 GOL J . -31.53 -4.85 1.23
O3 GOL J . -31.45 -6.19 0.81
C1 GOL K . 7.55 7.75 -18.53
O1 GOL K . 6.78 7.00 -19.44
C2 GOL K . 8.12 6.85 -17.42
O2 GOL K . 8.77 5.73 -17.97
C3 GOL K . 9.08 7.62 -16.54
O3 GOL K . 10.23 8.05 -17.23
C1 GOL L . -12.82 20.46 -3.14
O1 GOL L . -13.70 20.91 -4.13
C2 GOL L . -13.06 18.97 -2.89
O2 GOL L . -12.74 18.30 -4.08
C3 GOL L . -12.12 18.53 -1.77
O3 GOL L . -12.37 17.23 -1.28
#